data_3ADJ
# 
_entry.id   3ADJ 
# 
_audit_conform.dict_name       mmcif_pdbx.dic 
_audit_conform.dict_version    5.380 
_audit_conform.dict_location   http://mmcif.pdb.org/dictionaries/ascii/mmcif_pdbx.dic 
# 
loop_
_database_2.database_id 
_database_2.database_code 
_database_2.pdbx_database_accession 
_database_2.pdbx_DOI 
PDB   3ADJ         pdb_00003adj 10.2210/pdb3adj/pdb 
RCSB  RCSB029118   ?            ?                   
WWPDB D_1000029118 ?            ?                   
# 
loop_
_pdbx_database_related.db_name 
_pdbx_database_related.db_id 
_pdbx_database_related.details 
_pdbx_database_related.content_type 
PDB 3ADG . unspecified 
PDB 3ADI . unspecified 
PDB 3ADL . unspecified 
# 
_pdbx_database_status.status_code                     REL 
_pdbx_database_status.entry_id                        3ADJ 
_pdbx_database_status.recvd_initial_deposition_date   2010-01-22 
_pdbx_database_status.deposit_site                    PDBJ 
_pdbx_database_status.process_site                    PDBJ 
_pdbx_database_status.status_code_sf                  REL 
_pdbx_database_status.status_code_mr                  ? 
_pdbx_database_status.SG_entry                        ? 
_pdbx_database_status.pdb_format_compatible           Y 
_pdbx_database_status.status_code_cs                  ? 
_pdbx_database_status.status_code_nmr_data            ? 
_pdbx_database_status.methods_development_category    ? 
# 
loop_
_audit_author.name 
_audit_author.pdbx_ordinal 
'Yuan, Y.A.' 1 
'Chen, H.Y.' 2 
# 
_citation.id                        primary 
_citation.title                     
'Structure of arabidopsis HYPONASTIC LEAVES1 and its molecular implications for miRNA processing' 
_citation.journal_abbrev            Structure 
_citation.journal_volume            18 
_citation.page_first                594 
_citation.page_last                 605 
_citation.year                      2010 
_citation.journal_id_ASTM           STRUE6 
_citation.country                   UK 
_citation.journal_id_ISSN           0969-2126 
_citation.journal_id_CSD            2005 
_citation.book_publisher            ? 
_citation.pdbx_database_id_PubMed   20462493 
_citation.pdbx_database_id_DOI      10.1016/j.str.2010.02.006 
# 
loop_
_citation_author.citation_id 
_citation_author.name 
_citation_author.ordinal 
_citation_author.identifier_ORCID 
primary 'Yang, S.W.'  1 ? 
primary 'Chen, H.Y.'  2 ? 
primary 'Yang, J.'    3 ? 
primary 'Machida, S.' 4 ? 
primary 'Chua, N.H.'  5 ? 
primary 'Yuan, Y.A.'  6 ? 
# 
_cell.entry_id           3ADJ 
_cell.length_a           46.108 
_cell.length_b           46.108 
_cell.length_c           33.318 
_cell.angle_alpha        90.00 
_cell.angle_beta         90.00 
_cell.angle_gamma        90.00 
_cell.Z_PDB              4 
_cell.pdbx_unique_axis   ? 
_cell.length_a_esd       ? 
_cell.length_b_esd       ? 
_cell.length_c_esd       ? 
_cell.angle_alpha_esd    ? 
_cell.angle_beta_esd     ? 
_cell.angle_gamma_esd    ? 
# 
_symmetry.entry_id                         3ADJ 
_symmetry.space_group_name_H-M             'P 43' 
_symmetry.pdbx_full_space_group_name_H-M   ? 
_symmetry.cell_setting                     ? 
_symmetry.Int_Tables_number                78 
_symmetry.space_group_name_Hall            ? 
# 
loop_
_entity.id 
_entity.type 
_entity.src_method 
_entity.pdbx_description 
_entity.formula_weight 
_entity.pdbx_number_of_molecules 
_entity.pdbx_ec 
_entity.pdbx_mutation 
_entity.pdbx_fragment 
_entity.details 
1 polymer man 'F21M12.9 protein' 8278.475 1 ? ? 'UNP residues 100-172' ? 
2 water   nat water              18.015   5 ? ? ?                      ? 
# 
_entity_name_com.entity_id   1 
_entity_name_com.name        'Hyponastic leave 1, Putative uncharacterized protein' 
# 
_entity_poly.entity_id                      1 
_entity_poly.type                           'polypeptide(L)' 
_entity_poly.nstd_linkage                   no 
_entity_poly.nstd_monomer                   no 
_entity_poly.pdbx_seq_one_letter_code       GSHGLCKNLLQEYAQKMNYAIPLYQCQKVETLGRVTQFTCTVEIGGIKYTGAATRTKKDAEISAGRTALLAIQSDT 
_entity_poly.pdbx_seq_one_letter_code_can   GSHGLCKNLLQEYAQKMNYAIPLYQCQKVETLGRVTQFTCTVEIGGIKYTGAATRTKKDAEISAGRTALLAIQSDT 
_entity_poly.pdbx_strand_id                 A 
_entity_poly.pdbx_target_identifier         ? 
# 
loop_
_entity_poly_seq.entity_id 
_entity_poly_seq.num 
_entity_poly_seq.mon_id 
_entity_poly_seq.hetero 
1 1  GLY n 
1 2  SER n 
1 3  HIS n 
1 4  GLY n 
1 5  LEU n 
1 6  CYS n 
1 7  LYS n 
1 8  ASN n 
1 9  LEU n 
1 10 LEU n 
1 11 GLN n 
1 12 GLU n 
1 13 TYR n 
1 14 ALA n 
1 15 GLN n 
1 16 LYS n 
1 17 MET n 
1 18 ASN n 
1 19 TYR n 
1 20 ALA n 
1 21 ILE n 
1 22 PRO n 
1 23 LEU n 
1 24 TYR n 
1 25 GLN n 
1 26 CYS n 
1 27 GLN n 
1 28 LYS n 
1 29 VAL n 
1 30 GLU n 
1 31 THR n 
1 32 LEU n 
1 33 GLY n 
1 34 ARG n 
1 35 VAL n 
1 36 THR n 
1 37 GLN n 
1 38 PHE n 
1 39 THR n 
1 40 CYS n 
1 41 THR n 
1 42 VAL n 
1 43 GLU n 
1 44 ILE n 
1 45 GLY n 
1 46 GLY n 
1 47 ILE n 
1 48 LYS n 
1 49 TYR n 
1 50 THR n 
1 51 GLY n 
1 52 ALA n 
1 53 ALA n 
1 54 THR n 
1 55 ARG n 
1 56 THR n 
1 57 LYS n 
1 58 LYS n 
1 59 ASP n 
1 60 ALA n 
1 61 GLU n 
1 62 ILE n 
1 63 SER n 
1 64 ALA n 
1 65 GLY n 
1 66 ARG n 
1 67 THR n 
1 68 ALA n 
1 69 LEU n 
1 70 LEU n 
1 71 ALA n 
1 72 ILE n 
1 73 GLN n 
1 74 SER n 
1 75 ASP n 
1 76 THR n 
# 
_entity_src_gen.entity_id                          1 
_entity_src_gen.pdbx_src_id                        1 
_entity_src_gen.pdbx_alt_source_flag               sample 
_entity_src_gen.pdbx_seq_type                      ? 
_entity_src_gen.pdbx_beg_seq_num                   ? 
_entity_src_gen.pdbx_end_seq_num                   ? 
_entity_src_gen.gene_src_common_name               'mouse-ear cress,thale-cress' 
_entity_src_gen.gene_src_genus                     ? 
_entity_src_gen.pdbx_gene_src_gene                 ? 
_entity_src_gen.gene_src_species                   ? 
_entity_src_gen.gene_src_strain                    ? 
_entity_src_gen.gene_src_tissue                    ? 
_entity_src_gen.gene_src_tissue_fraction           ? 
_entity_src_gen.gene_src_details                   ? 
_entity_src_gen.pdbx_gene_src_fragment             ? 
_entity_src_gen.pdbx_gene_src_scientific_name      'Arabidopsis thaliana' 
_entity_src_gen.pdbx_gene_src_ncbi_taxonomy_id     3702 
_entity_src_gen.pdbx_gene_src_variant              ? 
_entity_src_gen.pdbx_gene_src_cell_line            ? 
_entity_src_gen.pdbx_gene_src_atcc                 ? 
_entity_src_gen.pdbx_gene_src_organ                ? 
_entity_src_gen.pdbx_gene_src_organelle            ? 
_entity_src_gen.pdbx_gene_src_cell                 ? 
_entity_src_gen.pdbx_gene_src_cellular_location    ? 
_entity_src_gen.host_org_common_name               ? 
_entity_src_gen.pdbx_host_org_scientific_name      'Escherichia coli' 
_entity_src_gen.pdbx_host_org_ncbi_taxonomy_id     562 
_entity_src_gen.host_org_genus                     ? 
_entity_src_gen.pdbx_host_org_gene                 ? 
_entity_src_gen.pdbx_host_org_organ                ? 
_entity_src_gen.host_org_species                   ? 
_entity_src_gen.pdbx_host_org_tissue               ? 
_entity_src_gen.pdbx_host_org_tissue_fraction      ? 
_entity_src_gen.pdbx_host_org_strain               'BL21(DE3)' 
_entity_src_gen.pdbx_host_org_variant              ? 
_entity_src_gen.pdbx_host_org_cell_line            ? 
_entity_src_gen.pdbx_host_org_atcc                 ? 
_entity_src_gen.pdbx_host_org_culture_collection   ? 
_entity_src_gen.pdbx_host_org_cell                 ? 
_entity_src_gen.pdbx_host_org_organelle            ? 
_entity_src_gen.pdbx_host_org_cellular_location    ? 
_entity_src_gen.pdbx_host_org_vector_type          plasmid 
_entity_src_gen.pdbx_host_org_vector               ? 
_entity_src_gen.host_org_details                   ? 
_entity_src_gen.expression_system_id               ? 
_entity_src_gen.plasmid_name                       pET28b 
_entity_src_gen.plasmid_details                    ? 
_entity_src_gen.pdbx_description                   ? 
# 
_struct_ref.id                         1 
_struct_ref.db_name                    UNP 
_struct_ref.db_code                    O04492_ARATH 
_struct_ref.pdbx_db_accession          O04492 
_struct_ref.entity_id                  1 
_struct_ref.pdbx_seq_one_letter_code   GLCKNLLQEYAQKMNYAIPLYQCQKVETLGRVTQFTCTVEIGGIKYTGAATRTKKDAEISAGRTALLAIQSDT 
_struct_ref.pdbx_align_begin           100 
_struct_ref.pdbx_db_isoform            ? 
# 
_struct_ref_seq.align_id                      1 
_struct_ref_seq.ref_id                        1 
_struct_ref_seq.pdbx_PDB_id_code              3ADJ 
_struct_ref_seq.pdbx_strand_id                A 
_struct_ref_seq.seq_align_beg                 4 
_struct_ref_seq.pdbx_seq_align_beg_ins_code   ? 
_struct_ref_seq.seq_align_end                 76 
_struct_ref_seq.pdbx_seq_align_end_ins_code   ? 
_struct_ref_seq.pdbx_db_accession             O04492 
_struct_ref_seq.db_align_beg                  100 
_struct_ref_seq.pdbx_db_align_beg_ins_code    ? 
_struct_ref_seq.db_align_end                  172 
_struct_ref_seq.pdbx_db_align_end_ins_code    ? 
_struct_ref_seq.pdbx_auth_seq_align_beg       100 
_struct_ref_seq.pdbx_auth_seq_align_end       172 
# 
loop_
_struct_ref_seq_dif.align_id 
_struct_ref_seq_dif.pdbx_pdb_id_code 
_struct_ref_seq_dif.mon_id 
_struct_ref_seq_dif.pdbx_pdb_strand_id 
_struct_ref_seq_dif.seq_num 
_struct_ref_seq_dif.pdbx_pdb_ins_code 
_struct_ref_seq_dif.pdbx_seq_db_name 
_struct_ref_seq_dif.pdbx_seq_db_accession_code 
_struct_ref_seq_dif.db_mon_id 
_struct_ref_seq_dif.pdbx_seq_db_seq_num 
_struct_ref_seq_dif.details 
_struct_ref_seq_dif.pdbx_auth_seq_num 
_struct_ref_seq_dif.pdbx_ordinal 
1 3ADJ GLY A 1 ? UNP O04492 ? ? 'expression tag' 97 1 
1 3ADJ SER A 2 ? UNP O04492 ? ? 'expression tag' 98 2 
1 3ADJ HIS A 3 ? UNP O04492 ? ? 'expression tag' 99 3 
# 
loop_
_chem_comp.id 
_chem_comp.type 
_chem_comp.mon_nstd_flag 
_chem_comp.name 
_chem_comp.pdbx_synonyms 
_chem_comp.formula 
_chem_comp.formula_weight 
ALA 'L-peptide linking' y ALANINE         ? 'C3 H7 N O2'     89.093  
ARG 'L-peptide linking' y ARGININE        ? 'C6 H15 N4 O2 1' 175.209 
ASN 'L-peptide linking' y ASPARAGINE      ? 'C4 H8 N2 O3'    132.118 
ASP 'L-peptide linking' y 'ASPARTIC ACID' ? 'C4 H7 N O4'     133.103 
CYS 'L-peptide linking' y CYSTEINE        ? 'C3 H7 N O2 S'   121.158 
GLN 'L-peptide linking' y GLUTAMINE       ? 'C5 H10 N2 O3'   146.144 
GLU 'L-peptide linking' y 'GLUTAMIC ACID' ? 'C5 H9 N O4'     147.129 
GLY 'peptide linking'   y GLYCINE         ? 'C2 H5 N O2'     75.067  
HIS 'L-peptide linking' y HISTIDINE       ? 'C6 H10 N3 O2 1' 156.162 
HOH non-polymer         . WATER           ? 'H2 O'           18.015  
ILE 'L-peptide linking' y ISOLEUCINE      ? 'C6 H13 N O2'    131.173 
LEU 'L-peptide linking' y LEUCINE         ? 'C6 H13 N O2'    131.173 
LYS 'L-peptide linking' y LYSINE          ? 'C6 H15 N2 O2 1' 147.195 
MET 'L-peptide linking' y METHIONINE      ? 'C5 H11 N O2 S'  149.211 
PHE 'L-peptide linking' y PHENYLALANINE   ? 'C9 H11 N O2'    165.189 
PRO 'L-peptide linking' y PROLINE         ? 'C5 H9 N O2'     115.130 
SER 'L-peptide linking' y SERINE          ? 'C3 H7 N O3'     105.093 
THR 'L-peptide linking' y THREONINE       ? 'C4 H9 N O3'     119.119 
TYR 'L-peptide linking' y TYROSINE        ? 'C9 H11 N O3'    181.189 
VAL 'L-peptide linking' y VALINE          ? 'C5 H11 N O2'    117.146 
# 
_exptl.entry_id          3ADJ 
_exptl.method            'X-RAY DIFFRACTION' 
_exptl.crystals_number   1 
# 
_exptl_crystal.id                    1 
_exptl_crystal.density_meas          ? 
_exptl_crystal.density_Matthews      2.14 
_exptl_crystal.density_percent_sol   42.50 
_exptl_crystal.description           ? 
_exptl_crystal.F_000                 ? 
_exptl_crystal.preparation           ? 
# 
_exptl_crystal_grow.crystal_id      1 
_exptl_crystal_grow.method          'VAPOR DIFFUSION, HANGING DROP' 
_exptl_crystal_grow.temp            293 
_exptl_crystal_grow.temp_details    ? 
_exptl_crystal_grow.pH              7.5 
_exptl_crystal_grow.pdbx_details    'PEG 400, CaCl2, HEPES, pH 7.5, VAPOR DIFFUSION, HANGING DROP, temperature 293K' 
_exptl_crystal_grow.pdbx_pH_range   . 
# 
_diffrn.id                     1 
_diffrn.ambient_temp           100 
_diffrn.ambient_temp_details   ? 
_diffrn.crystal_id             1 
# 
_diffrn_detector.diffrn_id              1 
_diffrn_detector.detector               'IMAGE PLATE' 
_diffrn_detector.type                   'RIGAKU RAXIS IV' 
_diffrn_detector.pdbx_collection_date   ? 
_diffrn_detector.details                ? 
# 
_diffrn_radiation.diffrn_id                        1 
_diffrn_radiation.wavelength_id                    1 
_diffrn_radiation.pdbx_monochromatic_or_laue_m_l   M 
_diffrn_radiation.monochromator                    1.54 
_diffrn_radiation.pdbx_diffrn_protocol             'SINGLE WAVELENGTH' 
_diffrn_radiation.pdbx_scattering_type             x-ray 
# 
_diffrn_radiation_wavelength.id           1 
_diffrn_radiation_wavelength.wavelength   . 
_diffrn_radiation_wavelength.wt           1.0 
# 
_diffrn_source.diffrn_id                   1 
_diffrn_source.source                      'ROTATING ANODE' 
_diffrn_source.type                        'RIGAKU RU200' 
_diffrn_source.pdbx_synchrotron_site       ? 
_diffrn_source.pdbx_synchrotron_beamline   ? 
_diffrn_source.pdbx_wavelength             ? 
_diffrn_source.pdbx_wavelength_list        ? 
# 
_reflns.entry_id                     3ADJ 
_reflns.observed_criterion_sigma_I   2.0 
_reflns.observed_criterion_sigma_F   2.0 
_reflns.d_resolution_low             40 
_reflns.d_resolution_high            3.0 
_reflns.number_obs                   1322 
_reflns.number_all                   ? 
_reflns.percent_possible_obs         99.7 
_reflns.pdbx_Rmerge_I_obs            ? 
_reflns.pdbx_Rsym_value              0.056 
_reflns.B_iso_Wilson_estimate        ? 
_reflns.pdbx_redundancy              7.0 
_reflns.pdbx_netI_over_sigmaI        19.9 
_reflns.R_free_details               ? 
_reflns.limit_h_max                  ? 
_reflns.limit_h_min                  ? 
_reflns.limit_k_max                  ? 
_reflns.limit_k_min                  ? 
_reflns.limit_l_max                  ? 
_reflns.limit_l_min                  ? 
_reflns.observed_criterion_F_max     ? 
_reflns.observed_criterion_F_min     ? 
_reflns.pdbx_chi_squared             ? 
_reflns.pdbx_scaling_rejects         ? 
_reflns.pdbx_ordinal                 1 
_reflns.pdbx_diffrn_id               1 
# 
_reflns_shell.d_res_high             3.0 
_reflns_shell.d_res_low              3.1 
_reflns_shell.percent_possible_all   97.9 
_reflns_shell.Rmerge_I_obs           ? 
_reflns_shell.pdbx_Rsym_value        0.250 
_reflns_shell.meanI_over_sigI_obs    8.1 
_reflns_shell.pdbx_redundancy        5.1 
_reflns_shell.percent_possible_obs   ? 
_reflns_shell.number_unique_all      ? 
_reflns_shell.number_measured_all    ? 
_reflns_shell.number_measured_obs    ? 
_reflns_shell.number_unique_obs      ? 
_reflns_shell.pdbx_chi_squared       ? 
_reflns_shell.pdbx_ordinal           1 
_reflns_shell.pdbx_diffrn_id         1 
# 
_refine.entry_id                                 3ADJ 
_refine.ls_number_reflns_obs                     1322 
_refine.ls_number_reflns_all                     ? 
_refine.pdbx_ls_sigma_I                          2.0 
_refine.pdbx_ls_sigma_F                          ? 
_refine.pdbx_data_cutoff_high_absF               ? 
_refine.pdbx_data_cutoff_low_absF                ? 
_refine.pdbx_data_cutoff_high_rms_absF           ? 
_refine.ls_d_res_low                             32.60 
_refine.ls_d_res_high                            3.00 
_refine.ls_percent_reflns_obs                    99.93 
_refine.ls_R_factor_obs                          0.26118 
_refine.ls_R_factor_all                          ? 
_refine.ls_R_factor_R_work                       0.25529 
_refine.ls_R_factor_R_free                       0.32168 
_refine.ls_R_factor_R_free_error                 ? 
_refine.ls_R_factor_R_free_error_details         ? 
_refine.ls_percent_reflns_R_free                 9.6 
_refine.ls_number_reflns_R_free                  141 
_refine.ls_number_parameters                     ? 
_refine.ls_number_restraints                     ? 
_refine.occupancy_min                            ? 
_refine.occupancy_max                            ? 
_refine.correlation_coeff_Fo_to_Fc               0.882 
_refine.correlation_coeff_Fo_to_Fc_free          0.777 
_refine.B_iso_mean                               30.890 
_refine.aniso_B[1][1]                            -0.36 
_refine.aniso_B[2][2]                            -0.36 
_refine.aniso_B[3][3]                            0.72 
_refine.aniso_B[1][2]                            0.00 
_refine.aniso_B[1][3]                            0.00 
_refine.aniso_B[2][3]                            0.00 
_refine.solvent_model_details                    'BABINET MODEL WITH MASK' 
_refine.solvent_model_param_ksol                 ? 
_refine.solvent_model_param_bsol                 ? 
_refine.pdbx_solvent_vdw_probe_radii             1.20 
_refine.pdbx_solvent_ion_probe_radii             0.80 
_refine.pdbx_solvent_shrinkage_radii             0.80 
_refine.pdbx_ls_cross_valid_method               THROUGHOUT 
_refine.details                                  'HYDROGENS HAVE BEEN ADDED IN THE RIDING POSITIONS' 
_refine.pdbx_starting_model                      'PDB ENTRY 1DI2' 
_refine.pdbx_method_to_determine_struct          'MOLECULAR REPLACEMENT' 
_refine.pdbx_isotropic_thermal_model             ? 
_refine.pdbx_stereochemistry_target_values       'MAXIMUM LIKELIHOOD' 
_refine.pdbx_stereochem_target_val_spec_case     ? 
_refine.pdbx_R_Free_selection_details            RANDOM 
_refine.pdbx_overall_ESU_R_Free                  0.645 
_refine.overall_SU_ML                            0.681 
_refine.overall_SU_B                             71.478 
_refine.ls_redundancy_reflns_obs                 ? 
_refine.B_iso_min                                ? 
_refine.B_iso_max                                ? 
_refine.overall_SU_R_Cruickshank_DPI             ? 
_refine.overall_SU_R_free                        ? 
_refine.ls_wR_factor_R_free                      ? 
_refine.ls_wR_factor_R_work                      ? 
_refine.overall_FOM_free_R_set                   ? 
_refine.overall_FOM_work_R_set                   ? 
_refine.pdbx_refine_id                           'X-RAY DIFFRACTION' 
_refine.pdbx_overall_phase_error                 ? 
_refine.pdbx_overall_ESU_R                       ? 
_refine.pdbx_TLS_residual_ADP_flag               'LIKELY RESIDUAL' 
_refine.pdbx_diffrn_id                           1 
_refine.pdbx_overall_SU_R_free_Cruickshank_DPI   ? 
_refine.pdbx_overall_SU_R_Blow_DPI               ? 
_refine.pdbx_overall_SU_R_free_Blow_DPI          ? 
# 
_refine_hist.pdbx_refine_id                   'X-RAY DIFFRACTION' 
_refine_hist.cycle_id                         LAST 
_refine_hist.pdbx_number_atoms_protein        547 
_refine_hist.pdbx_number_atoms_nucleic_acid   0 
_refine_hist.pdbx_number_atoms_ligand         0 
_refine_hist.number_atoms_solvent             5 
_refine_hist.number_atoms_total               552 
_refine_hist.d_res_high                       3.00 
_refine_hist.d_res_low                        32.60 
# 
loop_
_refine_ls_restr.type 
_refine_ls_restr.dev_ideal 
_refine_ls_restr.dev_ideal_target 
_refine_ls_restr.weight 
_refine_ls_restr.number 
_refine_ls_restr.pdbx_refine_id 
_refine_ls_restr.pdbx_restraint_function 
r_bond_refined_d         0.017  0.022  ? 552 'X-RAY DIFFRACTION' ? 
r_angle_refined_deg      1.627  1.977  ? 743 'X-RAY DIFFRACTION' ? 
r_dihedral_angle_1_deg   6.970  5.000  ? 71  'X-RAY DIFFRACTION' ? 
r_dihedral_angle_2_deg   34.110 24.762 ? 21  'X-RAY DIFFRACTION' ? 
r_dihedral_angle_3_deg   19.573 15.000 ? 104 'X-RAY DIFFRACTION' ? 
r_dihedral_angle_4_deg   19.232 15.000 ? 3   'X-RAY DIFFRACTION' ? 
r_chiral_restr           0.088  0.200  ? 89  'X-RAY DIFFRACTION' ? 
r_gen_planes_refined     0.006  0.020  ? 394 'X-RAY DIFFRACTION' ? 
r_nbd_refined            0.273  0.200  ? 259 'X-RAY DIFFRACTION' ? 
r_nbtor_refined          0.313  0.200  ? 365 'X-RAY DIFFRACTION' ? 
r_xyhbond_nbd_refined    0.191  0.200  ? 18  'X-RAY DIFFRACTION' ? 
r_symmetry_vdw_refined   0.254  0.200  ? 33  'X-RAY DIFFRACTION' ? 
r_symmetry_hbond_refined 0.249  0.200  ? 3   'X-RAY DIFFRACTION' ? 
r_mcbond_it              0.517  1.500  ? 365 'X-RAY DIFFRACTION' ? 
r_mcangle_it             0.848  2.000  ? 565 'X-RAY DIFFRACTION' ? 
r_scbond_it              1.179  3.000  ? 213 'X-RAY DIFFRACTION' ? 
r_scangle_it             1.726  4.500  ? 178 'X-RAY DIFFRACTION' ? 
# 
_refine_ls_shell.pdbx_total_number_of_bins_used   20 
_refine_ls_shell.d_res_high                       3.001 
_refine_ls_shell.d_res_low                        3.078 
_refine_ls_shell.number_reflns_R_work             97 
_refine_ls_shell.R_factor_R_work                  0.263 
_refine_ls_shell.percent_reflns_obs               100.00 
_refine_ls_shell.R_factor_R_free                  0.417 
_refine_ls_shell.R_factor_R_free_error            ? 
_refine_ls_shell.percent_reflns_R_free            ? 
_refine_ls_shell.number_reflns_R_free             9 
_refine_ls_shell.number_reflns_all                ? 
_refine_ls_shell.R_factor_all                     ? 
_refine_ls_shell.number_reflns_obs                ? 
_refine_ls_shell.redundancy_reflns_obs            ? 
_refine_ls_shell.pdbx_refine_id                   'X-RAY DIFFRACTION' 
# 
_struct.entry_id                  3ADJ 
_struct.title                     'Structure of Arabidopsis HYL1 and its molecular implications for miRNA processing' 
_struct.pdbx_model_details        ? 
_struct.pdbx_CASP_flag            N 
_struct.pdbx_model_type_details   ? 
# 
_struct_keywords.entry_id        3ADJ 
_struct_keywords.pdbx_keywords   'GENE REGULATION' 
_struct_keywords.text            'HYL1, miRNA processing, RNA BINDING PROTEIN, GENE REGULATION' 
# 
loop_
_struct_asym.id 
_struct_asym.pdbx_blank_PDB_chainid_flag 
_struct_asym.pdbx_modified 
_struct_asym.entity_id 
_struct_asym.details 
A N N 1 ? 
B N N 2 ? 
# 
_struct_biol.id        1 
_struct_biol.details   ? 
# 
loop_
_struct_conf.conf_type_id 
_struct_conf.id 
_struct_conf.pdbx_PDB_helix_id 
_struct_conf.beg_label_comp_id 
_struct_conf.beg_label_asym_id 
_struct_conf.beg_label_seq_id 
_struct_conf.pdbx_beg_PDB_ins_code 
_struct_conf.end_label_comp_id 
_struct_conf.end_label_asym_id 
_struct_conf.end_label_seq_id 
_struct_conf.pdbx_end_PDB_ins_code 
_struct_conf.beg_auth_comp_id 
_struct_conf.beg_auth_asym_id 
_struct_conf.beg_auth_seq_id 
_struct_conf.end_auth_comp_id 
_struct_conf.end_auth_asym_id 
_struct_conf.end_auth_seq_id 
_struct_conf.pdbx_PDB_helix_class 
_struct_conf.details 
_struct_conf.pdbx_PDB_helix_length 
HELX_P HELX_P1 1 HIS A 3  ? LYS A 16 ? HIS A 99  LYS A 112 1 ? 14 
HELX_P HELX_P2 2 THR A 56 ? SER A 74 ? THR A 152 SER A 170 1 ? 19 
# 
_struct_conf_type.id          HELX_P 
_struct_conf_type.criteria    ? 
_struct_conf_type.reference   ? 
# 
_struct_sheet.id               A 
_struct_sheet.type             ? 
_struct_sheet.number_strands   3 
_struct_sheet.details          ? 
# 
loop_
_struct_sheet_order.sheet_id 
_struct_sheet_order.range_id_1 
_struct_sheet_order.range_id_2 
_struct_sheet_order.offset 
_struct_sheet_order.sense 
A 1 2 ? anti-parallel 
A 2 3 ? anti-parallel 
# 
loop_
_struct_sheet_range.sheet_id 
_struct_sheet_range.id 
_struct_sheet_range.beg_label_comp_id 
_struct_sheet_range.beg_label_asym_id 
_struct_sheet_range.beg_label_seq_id 
_struct_sheet_range.pdbx_beg_PDB_ins_code 
_struct_sheet_range.end_label_comp_id 
_struct_sheet_range.end_label_asym_id 
_struct_sheet_range.end_label_seq_id 
_struct_sheet_range.pdbx_end_PDB_ins_code 
_struct_sheet_range.beg_auth_comp_id 
_struct_sheet_range.beg_auth_asym_id 
_struct_sheet_range.beg_auth_seq_id 
_struct_sheet_range.end_auth_comp_id 
_struct_sheet_range.end_auth_asym_id 
_struct_sheet_range.end_auth_seq_id 
A 1 LEU A 23 ? GLU A 30 ? LEU A 119 GLU A 126 
A 2 THR A 36 ? ILE A 44 ? THR A 132 ILE A 140 
A 3 ILE A 47 ? THR A 50 ? ILE A 143 THR A 146 
# 
loop_
_pdbx_struct_sheet_hbond.sheet_id 
_pdbx_struct_sheet_hbond.range_id_1 
_pdbx_struct_sheet_hbond.range_id_2 
_pdbx_struct_sheet_hbond.range_1_label_atom_id 
_pdbx_struct_sheet_hbond.range_1_label_comp_id 
_pdbx_struct_sheet_hbond.range_1_label_asym_id 
_pdbx_struct_sheet_hbond.range_1_label_seq_id 
_pdbx_struct_sheet_hbond.range_1_PDB_ins_code 
_pdbx_struct_sheet_hbond.range_1_auth_atom_id 
_pdbx_struct_sheet_hbond.range_1_auth_comp_id 
_pdbx_struct_sheet_hbond.range_1_auth_asym_id 
_pdbx_struct_sheet_hbond.range_1_auth_seq_id 
_pdbx_struct_sheet_hbond.range_2_label_atom_id 
_pdbx_struct_sheet_hbond.range_2_label_comp_id 
_pdbx_struct_sheet_hbond.range_2_label_asym_id 
_pdbx_struct_sheet_hbond.range_2_label_seq_id 
_pdbx_struct_sheet_hbond.range_2_PDB_ins_code 
_pdbx_struct_sheet_hbond.range_2_auth_atom_id 
_pdbx_struct_sheet_hbond.range_2_auth_comp_id 
_pdbx_struct_sheet_hbond.range_2_auth_asym_id 
_pdbx_struct_sheet_hbond.range_2_auth_seq_id 
A 1 2 N GLN A 25 ? N GLN A 121 O THR A 41 ? O THR A 137 
A 2 3 N VAL A 42 ? N VAL A 138 O TYR A 49 ? O TYR A 145 
# 
_atom_sites.entry_id                    3ADJ 
_atom_sites.fract_transf_matrix[1][1]   0.02059801 
_atom_sites.fract_transf_matrix[1][2]   0.00186445 
_atom_sites.fract_transf_matrix[1][3]   -0.00652801 
_atom_sites.fract_transf_matrix[2][1]   -0.00678338 
_atom_sites.fract_transf_matrix[2][2]   0.00650354 
_atom_sites.fract_transf_matrix[2][3]   -0.01954633 
_atom_sites.fract_transf_matrix[3][1]   0.00038363 
_atom_sites.fract_transf_matrix[3][2]   0.02851628 
_atom_sites.fract_transf_matrix[3][3]   0.00935493 
_atom_sites.fract_transf_vector[1]      0.000559 
_atom_sites.fract_transf_vector[2]      0.253728 
_atom_sites.fract_transf_vector[3]      0.011684 
# 
loop_
_atom_type.symbol 
C 
N 
O 
S 
# 
loop_
_atom_site.group_PDB 
_atom_site.id 
_atom_site.type_symbol 
_atom_site.label_atom_id 
_atom_site.label_alt_id 
_atom_site.label_comp_id 
_atom_site.label_asym_id 
_atom_site.label_entity_id 
_atom_site.label_seq_id 
_atom_site.pdbx_PDB_ins_code 
_atom_site.Cartn_x 
_atom_site.Cartn_y 
_atom_site.Cartn_z 
_atom_site.occupancy 
_atom_site.B_iso_or_equiv 
_atom_site.pdbx_formal_charge 
_atom_site.auth_seq_id 
_atom_site.auth_comp_id 
_atom_site.auth_asym_id 
_atom_site.auth_atom_id 
_atom_site.pdbx_PDB_model_num 
ATOM   1   N N   . HIS A 1 3  ? -4.847  1.420   -9.102  1.00 29.01 ? 99  HIS A N   1 
ATOM   2   C CA  . HIS A 1 3  ? -5.055  0.138   -8.384  1.00 29.27 ? 99  HIS A CA  1 
ATOM   3   C C   . HIS A 1 3  ? -4.450  -1.013  -9.189  1.00 29.62 ? 99  HIS A C   1 
ATOM   4   O O   . HIS A 1 3  ? -3.354  -1.500  -8.872  1.00 29.89 ? 99  HIS A O   1 
ATOM   5   C CB  . HIS A 1 3  ? -6.535  -0.092  -8.143  1.00 29.27 ? 99  HIS A CB  1 
ATOM   6   N N   . GLY A 1 4  ? -5.166  -1.457  -10.220 1.00 29.51 ? 100 GLY A N   1 
ATOM   7   C CA  . GLY A 1 4  ? -4.628  -2.443  -11.140 1.00 29.40 ? 100 GLY A CA  1 
ATOM   8   C C   . GLY A 1 4  ? -3.182  -2.075  -11.414 1.00 29.44 ? 100 GLY A C   1 
ATOM   9   O O   . GLY A 1 4  ? -2.273  -2.724  -10.892 1.00 29.56 ? 100 GLY A O   1 
ATOM   10  N N   . LEU A 1 5  ? -2.984  -1.001  -12.186 1.00 28.97 ? 101 LEU A N   1 
ATOM   11  C CA  . LEU A 1 5  ? -1.654  -0.497  -12.567 1.00 29.00 ? 101 LEU A CA  1 
ATOM   12  C C   . LEU A 1 5  ? -0.720  -0.243  -11.359 1.00 29.41 ? 101 LEU A C   1 
ATOM   13  O O   . LEU A 1 5  ? 0.477   -0.570  -11.393 1.00 29.26 ? 101 LEU A O   1 
ATOM   14  C CB  . LEU A 1 5  ? -1.780  0.777   -13.422 1.00 28.88 ? 101 LEU A CB  1 
ATOM   15  C CG  . LEU A 1 5  ? -2.913  0.993   -14.456 1.00 28.67 ? 101 LEU A CG  1 
ATOM   16  C CD1 . LEU A 1 5  ? -2.801  2.391   -15.081 1.00 27.57 ? 101 LEU A CD1 1 
ATOM   17  C CD2 . LEU A 1 5  ? -2.978  -0.081  -15.559 1.00 26.82 ? 101 LEU A CD2 1 
ATOM   18  N N   . CYS A 1 6  ? -1.275  0.352   -10.302 1.00 29.74 ? 102 CYS A N   1 
ATOM   19  C CA  . CYS A 1 6  ? -0.589  0.457   -9.019  1.00 29.85 ? 102 CYS A CA  1 
ATOM   20  C C   . CYS A 1 6  ? -0.044  -0.916  -8.658  1.00 29.99 ? 102 CYS A C   1 
ATOM   21  O O   . CYS A 1 6  ? 1.166   -1.082  -8.607  1.00 30.50 ? 102 CYS A O   1 
ATOM   22  C CB  . CYS A 1 6  ? -1.516  1.069   -7.948  1.00 29.95 ? 102 CYS A CB  1 
ATOM   23  S SG  . CYS A 1 6  ? -1.339  0.567   -6.208  1.00 29.91 ? 102 CYS A SG  1 
ATOM   24  N N   . LYS A 1 7  ? -0.907  -1.919  -8.493  1.00 29.94 ? 103 LYS A N   1 
ATOM   25  C CA  . LYS A 1 7  ? -0.426  -3.270  -8.166  1.00 30.30 ? 103 LYS A CA  1 
ATOM   26  C C   . LYS A 1 7  ? 0.675   -3.778  -9.107  1.00 29.91 ? 103 LYS A C   1 
ATOM   27  O O   . LYS A 1 7  ? 1.578   -4.484  -8.672  1.00 30.11 ? 103 LYS A O   1 
ATOM   28  C CB  . LYS A 1 7  ? -1.570  -4.279  -8.158  1.00 30.31 ? 103 LYS A CB  1 
ATOM   29  C CG  . LYS A 1 7  ? -2.476  -4.196  -6.930  1.00 31.20 ? 103 LYS A CG  1 
ATOM   30  C CD  . LYS A 1 7  ? -3.765  -5.130  -7.244  1.00 31.39 ? 103 LYS A CD  1 
ATOM   31  C CE  . LYS A 1 7  ? -4.617  -4.946  -5.869  1.00 34.43 ? 103 LYS A CE  1 
ATOM   32  N NZ  . LYS A 1 7  ? -5.237  -6.279  -5.478  1.00 36.11 ? 103 LYS A NZ  1 
ATOM   33  N N   . ASN A 1 8  ? 0.600   -3.396  -10.384 1.00 29.46 ? 104 ASN A N   1 
ATOM   34  C CA  . ASN A 1 8  ? 1.432   -4.003  -11.410 1.00 29.23 ? 104 ASN A CA  1 
ATOM   35  C C   . ASN A 1 8  ? 2.781   -3.338  -11.626 1.00 29.07 ? 104 ASN A C   1 
ATOM   36  O O   . ASN A 1 8  ? 3.797   -4.026  -11.746 1.00 28.98 ? 104 ASN A O   1 
ATOM   37  C CB  . ASN A 1 8  ? 0.699   -4.039  -12.758 1.00 29.54 ? 104 ASN A CB  1 
ATOM   38  C CG  . ASN A 1 8  ? -0.792  -4.270  -12.603 1.00 29.66 ? 104 ASN A CG  1 
ATOM   39  O OD1 . ASN A 1 8  ? -1.266  -5.197  -11.875 1.00 30.67 ? 104 ASN A OD1 1 
ATOM   40  N ND2 . ASN A 1 8  ? -1.548  -3.424  -13.303 1.00 29.26 ? 104 ASN A ND2 1 
ATOM   41  N N   . LEU A 1 9  ? 2.784   -2.009  -11.738 1.00 28.87 ? 105 LEU A N   1 
ATOM   42  C CA  . LEU A 1 9  ? 4.022   -1.263  -11.921 1.00 28.72 ? 105 LEU A CA  1 
ATOM   43  C C   . LEU A 1 9  ? 4.972   -1.659  -10.810 1.00 28.96 ? 105 LEU A C   1 
ATOM   44  O O   . LEU A 1 9  ? 6.186   -1.686  -11.004 1.00 29.13 ? 105 LEU A O   1 
ATOM   45  C CB  . LEU A 1 9  ? 3.767   0.240   -11.859 1.00 28.67 ? 105 LEU A CB  1 
ATOM   46  C CG  . LEU A 1 9  ? 3.260   1.012   -13.085 1.00 28.49 ? 105 LEU A CG  1 
ATOM   47  C CD1 . LEU A 1 9  ? 2.507   2.250   -12.605 1.00 28.85 ? 105 LEU A CD1 1 
ATOM   48  C CD2 . LEU A 1 9  ? 4.399   1.413   -14.027 1.00 27.26 ? 105 LEU A CD2 1 
ATOM   49  N N   . LEU A 1 10 ? 4.394   -1.984  -9.650  1.00 28.99 ? 106 LEU A N   1 
ATOM   50  C CA  . LEU A 1 10 ? 5.145   -2.414  -8.473  1.00 29.19 ? 106 LEU A CA  1 
ATOM   51  C C   . LEU A 1 10 ? 5.688   -3.834  -8.601  1.00 29.46 ? 106 LEU A C   1 
ATOM   52  O O   . LEU A 1 10 ? 6.660   -4.188  -7.950  1.00 29.81 ? 106 LEU A O   1 
ATOM   53  C CB  . LEU A 1 10 ? 4.290   -2.300  -7.207  1.00 28.98 ? 106 LEU A CB  1 
ATOM   54  C CG  . LEU A 1 10 ? 3.667   -0.958  -6.826  1.00 28.17 ? 106 LEU A CG  1 
ATOM   55  C CD1 . LEU A 1 10 ? 2.647   -1.165  -5.739  1.00 27.74 ? 106 LEU A CD1 1 
ATOM   56  C CD2 . LEU A 1 10 ? 4.704   0.025   -6.372  1.00 27.19 ? 106 LEU A CD2 1 
ATOM   57  N N   . GLN A 1 11 ? 5.045   -4.653  -9.425  1.00 29.87 ? 107 GLN A N   1 
ATOM   58  C CA  . GLN A 1 11 ? 5.562   -5.985  -9.712  1.00 30.00 ? 107 GLN A CA  1 
ATOM   59  C C   . GLN A 1 11 ? 6.705   -5.821  -10.707 1.00 30.38 ? 107 GLN A C   1 
ATOM   60  O O   . GLN A 1 11 ? 7.793   -6.358  -10.488 1.00 30.59 ? 107 GLN A O   1 
ATOM   61  C CB  . GLN A 1 11 ? 4.450   -6.919  -10.210 1.00 29.69 ? 107 GLN A CB  1 
ATOM   62  C CG  . GLN A 1 11 ? 3.159   -6.790  -9.380  1.00 29.49 ? 107 GLN A CG  1 
ATOM   63  C CD  . GLN A 1 11 ? 2.258   -8.020  -9.389  1.00 29.99 ? 107 GLN A CD  1 
ATOM   64  O OE1 . GLN A 1 11 ? 2.244   -8.807  -10.352 1.00 30.99 ? 107 GLN A OE1 1 
ATOM   65  N NE2 . GLN A 1 11 ? 1.469   -8.181  -8.310  1.00 29.00 ? 107 GLN A NE2 1 
ATOM   66  N N   . GLU A 1 12 ? 6.474   -5.037  -11.766 1.00 30.81 ? 108 GLU A N   1 
ATOM   67  C CA  . GLU A 1 12 ? 7.542   -4.628  -12.695 1.00 31.11 ? 108 GLU A CA  1 
ATOM   68  C C   . GLU A 1 12 ? 8.768   -4.120  -11.937 1.00 31.59 ? 108 GLU A C   1 
ATOM   69  O O   . GLU A 1 12 ? 9.885   -4.573  -12.184 1.00 31.42 ? 108 GLU A O   1 
ATOM   70  C CB  . GLU A 1 12 ? 7.053   -3.533  -13.656 1.00 31.01 ? 108 GLU A CB  1 
ATOM   71  C CG  . GLU A 1 12 ? 6.164   -4.023  -14.802 1.00 30.95 ? 108 GLU A CG  1 
ATOM   72  C CD  . GLU A 1 12 ? 5.621   -2.867  -15.688 1.00 30.81 ? 108 GLU A CD  1 
ATOM   73  O OE1 . GLU A 1 12 ? 6.006   -1.645  -15.589 1.00 30.52 ? 108 GLU A OE1 1 
ATOM   74  O OE2 . GLU A 1 12 ? 4.620   -3.273  -16.478 1.00 30.74 ? 108 GLU A OE2 1 
ATOM   75  N N   . TYR A 1 13 ? 8.543   -3.196  -11.003 1.00 32.15 ? 109 TYR A N   1 
ATOM   76  C CA  . TYR A 1 13 ? 9.620   -2.624  -10.212 1.00 32.82 ? 109 TYR A CA  1 
ATOM   77  C C   . TYR A 1 13 ? 10.245  -3.636  -9.274  1.00 32.88 ? 109 TYR A C   1 
ATOM   78  O O   . TYR A 1 13 ? 11.394  -3.477  -8.871  1.00 32.97 ? 109 TYR A O   1 
ATOM   79  C CB  . TYR A 1 13 ? 9.137   -1.433  -9.399  1.00 33.48 ? 109 TYR A CB  1 
ATOM   80  C CG  . TYR A 1 13 ? 10.268  -0.692  -8.709  1.00 34.95 ? 109 TYR A CG  1 
ATOM   81  C CD1 . TYR A 1 13 ? 11.073  0.192   -9.421  1.00 36.19 ? 109 TYR A CD1 1 
ATOM   82  C CD2 . TYR A 1 13 ? 10.548  -0.881  -7.349  1.00 36.34 ? 109 TYR A CD2 1 
ATOM   83  C CE1 . TYR A 1 13 ? 12.116  0.882   -8.803  1.00 36.22 ? 109 TYR A CE1 1 
ATOM   84  C CE2 . TYR A 1 13 ? 11.601  -0.194  -6.722  1.00 36.56 ? 109 TYR A CE2 1 
ATOM   85  C CZ  . TYR A 1 13 ? 12.375  0.686   -7.467  1.00 35.75 ? 109 TYR A CZ  1 
ATOM   86  O OH  . TYR A 1 13 ? 13.414  1.379   -6.902  1.00 35.83 ? 109 TYR A OH  1 
ATOM   87  N N   . ALA A 1 14 ? 9.485   -4.664  -8.908  1.00 32.91 ? 110 ALA A N   1 
ATOM   88  C CA  . ALA A 1 14 ? 9.976   -5.684  -7.996  1.00 32.82 ? 110 ALA A CA  1 
ATOM   89  C C   . ALA A 1 14 ? 10.939  -6.609  -8.725  1.00 32.95 ? 110 ALA A C   1 
ATOM   90  O O   . ALA A 1 14 ? 11.846  -7.178  -8.113  1.00 33.06 ? 110 ALA A O   1 
ATOM   91  C CB  . ALA A 1 14 ? 8.833   -6.460  -7.425  1.00 32.98 ? 110 ALA A CB  1 
ATOM   92  N N   . GLN A 1 15 ? 10.737  -6.747  -10.036 1.00 32.98 ? 111 GLN A N   1 
ATOM   93  C CA  . GLN A 1 15 ? 11.627  -7.553  -10.872 1.00 32.94 ? 111 GLN A CA  1 
ATOM   94  C C   . GLN A 1 15 ? 12.791  -6.708  -11.380 1.00 32.81 ? 111 GLN A C   1 
ATOM   95  O O   . GLN A 1 15 ? 13.941  -7.155  -11.363 1.00 32.90 ? 111 GLN A O   1 
ATOM   96  C CB  . GLN A 1 15 ? 10.857  -8.186  -12.040 1.00 33.05 ? 111 GLN A CB  1 
ATOM   97  C CG  . GLN A 1 15 ? 9.842   -9.251  -11.606 1.00 32.89 ? 111 GLN A CG  1 
ATOM   98  C CD  . GLN A 1 15 ? 8.750   -9.525  -12.681 1.00 32.90 ? 111 GLN A CD  1 
ATOM   99  O OE1 . GLN A 1 15 ? 8.678   -8.759  -13.795 1.00 33.19 ? 111 GLN A OE1 1 
ATOM   100 N NE2 . GLN A 1 15 ? 7.722   -10.396 -12.217 1.00 32.41 ? 111 GLN A NE2 1 
ATOM   101 N N   . LYS A 1 16 ? 12.487  -5.486  -11.820 1.00 32.59 ? 112 LYS A N   1 
ATOM   102 C CA  . LYS A 1 16 ? 13.508  -4.512  -12.234 1.00 32.25 ? 112 LYS A CA  1 
ATOM   103 C C   . LYS A 1 16 ? 14.501  -4.202  -11.115 1.00 31.86 ? 112 LYS A C   1 
ATOM   104 O O   . LYS A 1 16 ? 15.465  -3.459  -11.318 1.00 31.80 ? 112 LYS A O   1 
ATOM   105 C CB  . LYS A 1 16 ? 12.855  -3.206  -12.709 1.00 32.33 ? 112 LYS A CB  1 
ATOM   106 C CG  . LYS A 1 16 ? 12.700  -3.075  -14.222 1.00 32.38 ? 112 LYS A CG  1 
ATOM   107 C CD  . LYS A 1 16 ? 12.421  -1.622  -14.591 1.00 32.27 ? 112 LYS A CD  1 
ATOM   108 C CE  . LYS A 1 16 ? 12.549  -1.370  -16.086 1.00 31.72 ? 112 LYS A CE  1 
ATOM   109 N NZ  . LYS A 1 16 ? 12.705  0.098   -16.356 1.00 31.57 ? 112 LYS A NZ  1 
ATOM   110 N N   . MET A 1 17 ? 14.254  -4.775  -9.936  1.00 31.41 ? 113 MET A N   1 
ATOM   111 C CA  . MET A 1 17 ? 15.117  -4.547  -8.791  1.00 31.04 ? 113 MET A CA  1 
ATOM   112 C C   . MET A 1 17 ? 15.567  -5.843  -8.118  1.00 30.22 ? 113 MET A C   1 
ATOM   113 O O   . MET A 1 17 ? 16.478  -5.804  -7.289  1.00 30.41 ? 113 MET A O   1 
ATOM   114 C CB  . MET A 1 17 ? 14.447  -3.603  -7.779  1.00 31.63 ? 113 MET A CB  1 
ATOM   115 C CG  . MET A 1 17 ? 14.149  -2.185  -8.313  1.00 32.75 ? 113 MET A CG  1 
ATOM   116 S SD  . MET A 1 17 ? 15.619  -1.230  -8.768  1.00 35.51 ? 113 MET A SD  1 
ATOM   117 C CE  . MET A 1 17 ? 15.006  -0.309  -10.214 1.00 32.93 ? 113 MET A CE  1 
ATOM   118 N N   . ASN A 1 18 ? 14.935  -6.970  -8.467  1.00 29.02 ? 114 ASN A N   1 
ATOM   119 C CA  . ASN A 1 18 ? 15.369  -8.314  -8.025  1.00 28.06 ? 114 ASN A CA  1 
ATOM   120 C C   . ASN A 1 18 ? 14.600  -8.916  -6.839  1.00 27.43 ? 114 ASN A C   1 
ATOM   121 O O   . ASN A 1 18 ? 14.918  -10.028 -6.390  1.00 27.27 ? 114 ASN A O   1 
ATOM   122 C CB  . ASN A 1 18 ? 16.890  -8.336  -7.757  1.00 28.28 ? 114 ASN A CB  1 
ATOM   123 C CG  . ASN A 1 18 ? 17.450  -9.740  -7.576  1.00 28.08 ? 114 ASN A CG  1 
ATOM   124 O OD1 . ASN A 1 18 ? 17.008  -10.700 -8.213  1.00 27.83 ? 114 ASN A OD1 1 
ATOM   125 N ND2 . ASN A 1 18 ? 18.448  -9.857  -6.708  1.00 27.88 ? 114 ASN A ND2 1 
ATOM   126 N N   . TYR A 1 19 ? 13.581  -8.201  -6.347  1.00 26.65 ? 115 TYR A N   1 
ATOM   127 C CA  . TYR A 1 19 ? 12.851  -8.618  -5.136  1.00 25.72 ? 115 TYR A CA  1 
ATOM   128 C C   . TYR A 1 19 ? 11.750  -9.642  -5.371  1.00 25.07 ? 115 TYR A C   1 
ATOM   129 O O   . TYR A 1 19 ? 11.600  -10.162 -6.471  1.00 24.92 ? 115 TYR A O   1 
ATOM   130 C CB  . TYR A 1 19 ? 12.303  -7.420  -4.354  1.00 25.82 ? 115 TYR A CB  1 
ATOM   131 C CG  . TYR A 1 19 ? 13.343  -6.393  -4.006  1.00 25.90 ? 115 TYR A CG  1 
ATOM   132 C CD1 . TYR A 1 19 ? 13.363  -5.173  -4.662  1.00 26.26 ? 115 TYR A CD1 1 
ATOM   133 C CD2 . TYR A 1 19 ? 14.316  -6.643  -3.034  1.00 25.56 ? 115 TYR A CD2 1 
ATOM   134 C CE1 . TYR A 1 19 ? 14.320  -4.219  -4.366  1.00 26.51 ? 115 TYR A CE1 1 
ATOM   135 C CE2 . TYR A 1 19 ? 15.278  -5.687  -2.726  1.00 25.63 ? 115 TYR A CE2 1 
ATOM   136 C CZ  . TYR A 1 19 ? 15.270  -4.475  -3.404  1.00 26.25 ? 115 TYR A CZ  1 
ATOM   137 O OH  . TYR A 1 19 ? 16.200  -3.498  -3.140  1.00 26.81 ? 115 TYR A OH  1 
ATOM   138 N N   . ALA A 1 20 ? 10.979  -9.898  -4.315  1.00 24.40 ? 116 ALA A N   1 
ATOM   139 C CA  . ALA A 1 20 ? 10.130  -11.076 -4.212  1.00 23.79 ? 116 ALA A CA  1 
ATOM   140 C C   . ALA A 1 20 ? 8.634   -10.764 -4.186  1.00 23.63 ? 116 ALA A C   1 
ATOM   141 O O   . ALA A 1 20 ? 7.875   -11.410 -3.443  1.00 23.68 ? 116 ALA A O   1 
ATOM   142 C CB  . ALA A 1 20 ? 10.514  -11.860 -2.975  1.00 23.76 ? 116 ALA A CB  1 
ATOM   143 N N   . ILE A 1 21 ? 8.203   -9.789  -4.988  1.00 22.99 ? 117 ILE A N   1 
ATOM   144 C CA  . ILE A 1 21 ? 6.777   -9.493  -5.114  1.00 22.42 ? 117 ILE A CA  1 
ATOM   145 C C   . ILE A 1 21 ? 6.239   -8.755  -3.888  1.00 22.28 ? 117 ILE A C   1 
ATOM   146 O O   . ILE A 1 21 ? 6.601   -9.083  -2.751  1.00 21.79 ? 117 ILE A O   1 
ATOM   147 C CB  . ILE A 1 21 ? 5.933   -10.780 -5.422  1.00 22.23 ? 117 ILE A CB  1 
ATOM   148 C CG1 . ILE A 1 21 ? 5.587   -10.824 -6.921  1.00 22.03 ? 117 ILE A CG1 1 
ATOM   149 C CG2 . ILE A 1 21 ? 4.608   -10.783 -4.639  1.00 22.65 ? 117 ILE A CG2 1 
ATOM   150 C CD1 . ILE A 1 21 ? 4.880   -12.089 -7.349  1.00 22.19 ? 117 ILE A CD1 1 
ATOM   151 N N   . PRO A 1 22 ? 5.377   -7.746  -4.125  1.00 22.18 ? 118 PRO A N   1 
ATOM   152 C CA  . PRO A 1 22 ? 4.803   -6.933  -3.073  1.00 22.42 ? 118 PRO A CA  1 
ATOM   153 C C   . PRO A 1 22 ? 3.746   -7.669  -2.254  1.00 22.69 ? 118 PRO A C   1 
ATOM   154 O O   . PRO A 1 22 ? 2.849   -8.268  -2.809  1.00 22.45 ? 118 PRO A O   1 
ATOM   155 C CB  . PRO A 1 22 ? 4.178   -5.772  -3.842  1.00 22.61 ? 118 PRO A CB  1 
ATOM   156 C CG  . PRO A 1 22 ? 4.722   -5.880  -5.235  1.00 22.30 ? 118 PRO A CG  1 
ATOM   157 C CD  . PRO A 1 22 ? 4.912   -7.301  -5.447  1.00 21.90 ? 118 PRO A CD  1 
ATOM   158 N N   . LEU A 1 23 ? 3.880   -7.626  -0.937  1.00 23.39 ? 119 LEU A N   1 
ATOM   159 C CA  . LEU A 1 23 ? 2.911   -8.215  -0.036  1.00 24.23 ? 119 LEU A CA  1 
ATOM   160 C C   . LEU A 1 23 ? 2.068   -7.085  0.523   1.00 25.04 ? 119 LEU A C   1 
ATOM   161 O O   . LEU A 1 23 ? 2.603   -6.103  1.011   1.00 25.21 ? 119 LEU A O   1 
ATOM   162 C CB  . LEU A 1 23 ? 3.613   -8.953  1.110   1.00 24.06 ? 119 LEU A CB  1 
ATOM   163 C CG  . LEU A 1 23 ? 4.764   -9.935  0.843   1.00 23.67 ? 119 LEU A CG  1 
ATOM   164 C CD1 . LEU A 1 23 ? 5.521   -10.185 2.128   1.00 23.55 ? 119 LEU A CD1 1 
ATOM   165 C CD2 . LEU A 1 23 ? 4.326   -11.263 0.208   1.00 21.54 ? 119 LEU A CD2 1 
ATOM   166 N N   . TYR A 1 24 ? 0.750   -7.225  0.432   1.00 26.09 ? 120 TYR A N   1 
ATOM   167 C CA  . TYR A 1 24 ? -0.188  -6.193  0.867   1.00 26.93 ? 120 TYR A CA  1 
ATOM   168 C C   . TYR A 1 24 ? -0.728  -6.575  2.233   1.00 27.93 ? 120 TYR A C   1 
ATOM   169 O O   . TYR A 1 24 ? -1.083  -7.708  2.480   1.00 27.54 ? 120 TYR A O   1 
ATOM   170 C CB  . TYR A 1 24 ? -1.334  -6.007  -0.160  1.00 26.58 ? 120 TYR A CB  1 
ATOM   171 C CG  . TYR A 1 24 ? -0.862  -5.482  -1.495  1.00 25.77 ? 120 TYR A CG  1 
ATOM   172 C CD1 . TYR A 1 24 ? -0.208  -6.303  -2.398  1.00 24.14 ? 120 TYR A CD1 1 
ATOM   173 C CD2 . TYR A 1 24 ? -1.046  -4.142  -1.843  1.00 27.10 ? 120 TYR A CD2 1 
ATOM   174 C CE1 . TYR A 1 24 ? 0.239   -5.819  -3.611  1.00 25.50 ? 120 TYR A CE1 1 
ATOM   175 C CE2 . TYR A 1 24 ? -0.594  -3.631  -3.066  1.00 25.71 ? 120 TYR A CE2 1 
ATOM   176 C CZ  . TYR A 1 24 ? 0.045   -4.482  -3.936  1.00 27.32 ? 120 TYR A CZ  1 
ATOM   177 O OH  . TYR A 1 24 ? 0.493   -4.006  -5.137  1.00 28.30 ? 120 TYR A OH  1 
ATOM   178 N N   . GLN A 1 25 ? -0.779  -5.620  3.134   1.00 29.59 ? 121 GLN A N   1 
ATOM   179 C CA  . GLN A 1 25 ? -1.347  -5.900  4.423   1.00 31.63 ? 121 GLN A CA  1 
ATOM   180 C C   . GLN A 1 25 ? -2.437  -4.888  4.703   1.00 32.84 ? 121 GLN A C   1 
ATOM   181 O O   . GLN A 1 25 ? -2.508  -3.871  4.038   1.00 32.94 ? 121 GLN A O   1 
ATOM   182 C CB  . GLN A 1 25 ? -0.275  -5.841  5.493   1.00 31.86 ? 121 GLN A CB  1 
ATOM   183 C CG  . GLN A 1 25 ? -0.595  -6.699  6.680   1.00 33.13 ? 121 GLN A CG  1 
ATOM   184 C CD  . GLN A 1 25 ? 0.015   -6.172  7.927   1.00 34.70 ? 121 GLN A CD  1 
ATOM   185 O OE1 . GLN A 1 25 ? -0.257  -5.040  8.331   1.00 35.42 ? 121 GLN A OE1 1 
ATOM   186 N NE2 . GLN A 1 25 ? 0.843   -6.992  8.567   1.00 36.49 ? 121 GLN A NE2 1 
ATOM   187 N N   . CYS A 1 26 ? -3.289  -5.185  5.681   1.00 34.61 ? 122 CYS A N   1 
ATOM   188 C CA  . CYS A 1 26 ? -4.406  -4.320  6.043   1.00 35.87 ? 122 CYS A CA  1 
ATOM   189 C C   . CYS A 1 26 ? -4.559  -4.193  7.556   1.00 36.28 ? 122 CYS A C   1 
ATOM   190 O O   . CYS A 1 26 ? -4.322  -5.147  8.289   1.00 35.94 ? 122 CYS A O   1 
ATOM   191 C CB  . CYS A 1 26 ? -5.696  -4.857  5.437   1.00 35.84 ? 122 CYS A CB  1 
ATOM   192 S SG  . CYS A 1 26 ? -6.772  -3.562  4.873   1.00 38.73 ? 122 CYS A SG  1 
ATOM   193 N N   . GLN A 1 27 ? -4.947  -3.004  8.013   1.00 37.21 ? 123 GLN A N   1 
ATOM   194 C CA  . GLN A 1 27 ? -5.197  -2.759  9.434   1.00 38.13 ? 123 GLN A CA  1 
ATOM   195 C C   . GLN A 1 27 ? -6.436  -1.931  9.698   1.00 38.59 ? 123 GLN A C   1 
ATOM   196 O O   . GLN A 1 27 ? -7.010  -1.348  8.800   1.00 39.06 ? 123 GLN A O   1 
ATOM   197 C CB  . GLN A 1 27 ? -4.017  -2.061  10.073  1.00 38.15 ? 123 GLN A CB  1 
ATOM   198 C CG  . GLN A 1 27 ? -2.932  -2.976  10.545  1.00 39.17 ? 123 GLN A CG  1 
ATOM   199 C CD  . GLN A 1 27 ? -1.630  -2.265  10.497  1.00 41.44 ? 123 GLN A CD  1 
ATOM   200 O OE1 . GLN A 1 27 ? -1.300  -1.516  11.413  1.00 43.14 ? 123 GLN A OE1 1 
ATOM   201 N NE2 . GLN A 1 27 ? -0.897  -2.438  9.398   1.00 41.42 ? 123 GLN A NE2 1 
ATOM   202 N N   . LYS A 1 28 ? -6.821  -1.850  10.959  1.00 39.05 ? 124 LYS A N   1 
ATOM   203 C CA  . LYS A 1 28 ? -8.067  -1.222  11.315  1.00 39.43 ? 124 LYS A CA  1 
ATOM   204 C C   . LYS A 1 28 ? -7.893  -0.383  12.551  1.00 39.40 ? 124 LYS A C   1 
ATOM   205 O O   . LYS A 1 28 ? -7.093  -0.719  13.425  1.00 40.08 ? 124 LYS A O   1 
ATOM   206 C CB  . LYS A 1 28 ? -9.069  -2.327  11.596  1.00 39.93 ? 124 LYS A CB  1 
ATOM   207 C CG  . LYS A 1 28 ? -10.433 -1.893  12.004  1.00 40.72 ? 124 LYS A CG  1 
ATOM   208 C CD  . LYS A 1 28 ? -11.176 -3.080  12.563  1.00 41.63 ? 124 LYS A CD  1 
ATOM   209 C CE  . LYS A 1 28 ? -12.617 -2.721  12.673  1.00 43.59 ? 124 LYS A CE  1 
ATOM   210 N NZ  . LYS A 1 28 ? -13.371 -3.755  13.402  1.00 47.92 ? 124 LYS A NZ  1 
ATOM   211 N N   . VAL A 1 29 ? -8.625  0.727   12.611  1.00 39.01 ? 125 VAL A N   1 
ATOM   212 C CA  . VAL A 1 29 ? -8.842  1.446   13.871  1.00 38.24 ? 125 VAL A CA  1 
ATOM   213 C C   . VAL A 1 29 ? -10.321 1.747   13.959  1.00 37.63 ? 125 VAL A C   1 
ATOM   214 O O   . VAL A 1 29 ? -10.862 2.442   13.086  1.00 37.90 ? 125 VAL A O   1 
ATOM   215 C CB  . VAL A 1 29 ? -8.068  2.769   13.955  1.00 38.05 ? 125 VAL A CB  1 
ATOM   216 C CG1 . VAL A 1 29 ? -8.541  3.575   15.146  1.00 38.04 ? 125 VAL A CG1 1 
ATOM   217 C CG2 . VAL A 1 29 ? -6.567  2.515   14.053  1.00 38.62 ? 125 VAL A CG2 1 
ATOM   218 N N   . GLU A 1 30 ? -10.965 1.234   15.007  1.00 36.28 ? 126 GLU A N   1 
ATOM   219 C CA  . GLU A 1 30 ? -12.404 1.366   15.160  1.00 34.88 ? 126 GLU A CA  1 
ATOM   220 C C   . GLU A 1 30 ? -12.803 2.092   16.445  1.00 34.27 ? 126 GLU A C   1 
ATOM   221 O O   . GLU A 1 30 ? -12.621 1.568   17.538  1.00 34.24 ? 126 GLU A O   1 
ATOM   222 C CB  . GLU A 1 30 ? -13.042 -0.016  15.119  1.00 34.88 ? 126 GLU A CB  1 
ATOM   223 C CG  . GLU A 1 30 ? -14.425 -0.061  14.496  1.00 33.67 ? 126 GLU A CG  1 
ATOM   224 C CD  . GLU A 1 30 ? -15.166 -1.338  14.840  1.00 32.71 ? 126 GLU A CD  1 
ATOM   225 O OE1 . GLU A 1 30 ? -14.522 -2.328  15.236  1.00 32.50 ? 126 GLU A OE1 1 
ATOM   226 O OE2 . GLU A 1 30 ? -16.404 -1.351  14.734  1.00 32.90 ? 126 GLU A OE2 1 
ATOM   227 N N   . THR A 1 31 ? -13.355 3.295   16.288  1.00 33.39 ? 127 THR A N   1 
ATOM   228 C CA  . THR A 1 31 ? -13.870 4.128   17.384  1.00 32.63 ? 127 THR A CA  1 
ATOM   229 C C   . THR A 1 31 ? -15.049 3.483   18.129  1.00 32.23 ? 127 THR A C   1 
ATOM   230 O O   . THR A 1 31 ? -15.799 2.692   17.545  1.00 32.50 ? 127 THR A O   1 
ATOM   231 C CB  . THR A 1 31 ? -14.363 5.472   16.814  1.00 32.66 ? 127 THR A CB  1 
ATOM   232 O OG1 . THR A 1 31 ? -13.321 6.060   16.024  1.00 32.76 ? 127 THR A OG1 1 
ATOM   233 C CG2 . THR A 1 31 ? -14.773 6.449   17.926  1.00 33.00 ? 127 THR A CG2 1 
ATOM   234 N N   . LEU A 1 32 ? -15.212 3.838   19.409  1.00 31.43 ? 128 LEU A N   1 
ATOM   235 C CA  . LEU A 1 32 ? -16.374 3.430   20.207  1.00 30.50 ? 128 LEU A CA  1 
ATOM   236 C C   . LEU A 1 32 ? -17.701 3.808   19.553  1.00 30.00 ? 128 LEU A C   1 
ATOM   237 O O   . LEU A 1 32 ? -18.710 3.109   19.721  1.00 29.78 ? 128 LEU A O   1 
ATOM   238 C CB  . LEU A 1 32 ? -16.314 4.047   21.615  1.00 30.52 ? 128 LEU A CB  1 
ATOM   239 C CG  . LEU A 1 32 ? -15.812 3.195   22.789  1.00 30.27 ? 128 LEU A CG  1 
ATOM   240 C CD1 . LEU A 1 32 ? -15.188 4.125   23.937  1.00 29.74 ? 128 LEU A CD1 1 
ATOM   241 C CD2 . LEU A 1 32 ? -17.006 2.290   23.337  1.00 29.46 ? 128 LEU A CD2 1 
ATOM   242 N N   . GLY A 1 33 ? -17.693 4.916   18.807  1.00 29.46 ? 129 GLY A N   1 
ATOM   243 C CA  . GLY A 1 33 ? -18.918 5.436   18.225  1.00 28.82 ? 129 GLY A CA  1 
ATOM   244 C C   . GLY A 1 33 ? -18.857 5.766   16.751  1.00 28.45 ? 129 GLY A C   1 
ATOM   245 O O   . GLY A 1 33 ? -18.695 6.931   16.385  1.00 28.22 ? 129 GLY A O   1 
ATOM   246 N N   . ARG A 1 34 ? -18.980 4.732   15.916  1.00 28.32 ? 130 ARG A N   1 
ATOM   247 C CA  . ARG A 1 34 ? -19.229 4.873   14.477  1.00 28.41 ? 130 ARG A CA  1 
ATOM   248 C C   . ARG A 1 34 ? -18.078 4.498   13.560  1.00 28.53 ? 130 ARG A C   1 
ATOM   249 O O   . ARG A 1 34 ? -18.264 3.750   12.608  1.00 28.67 ? 130 ARG A O   1 
ATOM   250 C CB  . ARG A 1 34 ? -19.699 6.289   14.114  1.00 28.31 ? 130 ARG A CB  1 
ATOM   251 C CG  . ARG A 1 34 ? -21.185 6.479   14.192  1.00 28.99 ? 130 ARG A CG  1 
ATOM   252 C CD  . ARG A 1 34 ? -21.622 7.804   13.595  1.00 29.87 ? 130 ARG A CD  1 
ATOM   253 N NE  . ARG A 1 34 ? -23.076 7.811   13.426  1.00 30.45 ? 130 ARG A NE  1 
ATOM   254 C CZ  . ARG A 1 34 ? -23.780 8.844   12.941  1.00 30.92 ? 130 ARG A CZ  1 
ATOM   255 N NH1 . ARG A 1 34 ? -23.184 9.989   12.561  1.00 30.76 ? 130 ARG A NH1 1 
ATOM   256 N NH2 . ARG A 1 34 ? -25.113 8.724   12.850  1.00 31.72 ? 130 ARG A NH2 1 
ATOM   257 N N   . VAL A 1 35 ? -16.895 5.023   13.843  1.00 28.73 ? 131 VAL A N   1 
ATOM   258 C CA  . VAL A 1 35 ? -15.882 5.185   12.811  1.00 29.06 ? 131 VAL A CA  1 
ATOM   259 C C   . VAL A 1 35 ? -15.003 3.967   12.581  1.00 29.59 ? 131 VAL A C   1 
ATOM   260 O O   . VAL A 1 35 ? -14.536 3.338   13.532  1.00 29.66 ? 131 VAL A O   1 
ATOM   261 C CB  . VAL A 1 35 ? -14.993 6.403   13.100  1.00 28.93 ? 131 VAL A CB  1 
ATOM   262 C CG1 . VAL A 1 35 ? -14.090 6.695   11.904  1.00 28.72 ? 131 VAL A CG1 1 
ATOM   263 C CG2 . VAL A 1 35 ? -15.855 7.611   13.403  1.00 28.60 ? 131 VAL A CG2 1 
ATOM   264 N N   . THR A 1 36 ? -14.783 3.657   11.303  1.00 29.88 ? 132 THR A N   1 
ATOM   265 C CA  . THR A 1 36 ? -13.848 2.616   10.899  1.00 30.41 ? 132 THR A CA  1 
ATOM   266 C C   . THR A 1 36 ? -12.883 3.154   9.835   1.00 30.81 ? 132 THR A C   1 
ATOM   267 O O   . THR A 1 36 ? -13.290 3.613   8.778   1.00 31.12 ? 132 THR A O   1 
ATOM   268 C CB  . THR A 1 36 ? -14.600 1.354   10.422  1.00 30.55 ? 132 THR A CB  1 
ATOM   269 O OG1 . THR A 1 36 ? -15.386 0.844   11.503  1.00 31.01 ? 132 THR A OG1 1 
ATOM   270 C CG2 . THR A 1 36 ? -13.649 0.254   9.968   1.00 30.81 ? 132 THR A CG2 1 
ATOM   271 N N   . GLN A 1 37 ? -11.591 3.105   10.127  1.00 31.15 ? 133 GLN A N   1 
ATOM   272 C CA  . GLN A 1 37 ? -10.599 3.652   9.230   1.00 31.36 ? 133 GLN A CA  1 
ATOM   273 C C   . GLN A 1 37 ? -9.539  2.589   8.997   1.00 31.10 ? 133 GLN A C   1 
ATOM   274 O O   . GLN A 1 37 ? -8.939  2.112   9.965   1.00 31.47 ? 133 GLN A O   1 
ATOM   275 C CB  . GLN A 1 37 ? -10.004 4.888   9.878   1.00 31.29 ? 133 GLN A CB  1 
ATOM   276 C CG  . GLN A 1 37 ? -9.284  5.840   8.945   1.00 32.43 ? 133 GLN A CG  1 
ATOM   277 C CD  . GLN A 1 37 ? -8.954  7.168   9.637   1.00 32.34 ? 133 GLN A CD  1 
ATOM   278 O OE1 . GLN A 1 37 ? -9.648  8.185   9.440   1.00 32.70 ? 133 GLN A OE1 1 
ATOM   279 N NE2 . GLN A 1 37 ? -7.897  7.157   10.460  1.00 33.02 ? 133 GLN A NE2 1 
ATOM   280 N N   . PHE A 1 38 ? -9.337  2.208   7.727   1.00 30.69 ? 134 PHE A N   1 
ATOM   281 C CA  . PHE A 1 38 ? -8.384  1.159   7.318   1.00 30.45 ? 134 PHE A CA  1 
ATOM   282 C C   . PHE A 1 38 ? -7.046  1.753   6.919   1.00 30.64 ? 134 PHE A C   1 
ATOM   283 O O   . PHE A 1 38 ? -7.010  2.636   6.092   1.00 31.46 ? 134 PHE A O   1 
ATOM   284 C CB  . PHE A 1 38 ? -8.899  0.366   6.108   1.00 29.70 ? 134 PHE A CB  1 
ATOM   285 C CG  . PHE A 1 38 ? -10.346 -0.023  6.182   1.00 30.29 ? 134 PHE A CG  1 
ATOM   286 C CD1 . PHE A 1 38 ? -11.324 0.769   5.591   1.00 29.62 ? 134 PHE A CD1 1 
ATOM   287 C CD2 . PHE A 1 38 ? -10.739 -1.197  6.813   1.00 30.75 ? 134 PHE A CD2 1 
ATOM   288 C CE1 . PHE A 1 38 ? -12.670 0.418   5.645   1.00 28.34 ? 134 PHE A CE1 1 
ATOM   289 C CE2 . PHE A 1 38 ? -12.085 -1.547  6.870   1.00 29.60 ? 134 PHE A CE2 1 
ATOM   290 C CZ  . PHE A 1 38 ? -13.049 -0.732  6.287   1.00 28.77 ? 134 PHE A CZ  1 
ATOM   291 N N   . THR A 1 39 ? -5.947  1.273   7.480   1.00 30.64 ? 135 THR A N   1 
ATOM   292 C CA  . THR A 1 39 ? -4.631  1.638   6.979   1.00 31.46 ? 135 THR A CA  1 
ATOM   293 C C   . THR A 1 39 ? -4.081  0.415   6.251   1.00 32.36 ? 135 THR A C   1 
ATOM   294 O O   . THR A 1 39 ? -4.138  -0.703  6.790   1.00 33.15 ? 135 THR A O   1 
ATOM   295 C CB  . THR A 1 39 ? -3.684  2.016   8.126   1.00 31.72 ? 135 THR A CB  1 
ATOM   296 O OG1 . THR A 1 39 ? -4.286  3.029   8.935   1.00 32.80 ? 135 THR A OG1 1 
ATOM   297 C CG2 . THR A 1 39 ? -2.393  2.545   7.611   1.00 31.70 ? 135 THR A CG2 1 
ATOM   298 N N   . CYS A 1 40 ? -3.576  0.600   5.035   1.00 32.28 ? 136 CYS A N   1 
ATOM   299 C CA  . CYS A 1 40 ? -3.101  -0.518  4.229   1.00 32.91 ? 136 CYS A CA  1 
ATOM   300 C C   . CYS A 1 40 ? -1.628  -0.395  4.048   1.00 32.92 ? 136 CYS A C   1 
ATOM   301 O O   . CYS A 1 40 ? -1.090  0.700   4.088   1.00 33.72 ? 136 CYS A O   1 
ATOM   302 C CB  . CYS A 1 40 ? -3.765  -0.559  2.850   1.00 33.11 ? 136 CYS A CB  1 
ATOM   303 S SG  . CYS A 1 40 ? -5.430  -1.279  2.832   1.00 37.88 ? 136 CYS A SG  1 
ATOM   304 N N   . THR A 1 41 ? -0.967  -1.520  3.808   1.00 32.86 ? 137 THR A N   1 
ATOM   305 C CA  . THR A 1 41 ? 0.485   -1.543  3.711   1.00 32.07 ? 137 THR A CA  1 
ATOM   306 C C   . THR A 1 41 ? 0.995   -2.340  2.516   1.00 32.05 ? 137 THR A C   1 
ATOM   307 O O   . THR A 1 41 ? 0.385   -3.335  2.109   1.00 32.64 ? 137 THR A O   1 
ATOM   308 C CB  . THR A 1 41 ? 1.053   -2.074  4.993   1.00 31.89 ? 137 THR A CB  1 
ATOM   309 O OG1 . THR A 1 41 ? 0.984   -1.031  5.970   1.00 32.07 ? 137 THR A OG1 1 
ATOM   310 C CG2 . THR A 1 41 ? 2.480   -2.503  4.816   1.00 32.57 ? 137 THR A CG2 1 
ATOM   311 N N   . VAL A 1 42 ? 2.101   -1.875  1.946   1.00 31.26 ? 138 VAL A N   1 
ATOM   312 C CA  . VAL A 1 42 ? 2.762   -2.549  0.842   1.00 30.95 ? 138 VAL A CA  1 
ATOM   313 C C   . VAL A 1 42 ? 4.246   -2.747  1.160   1.00 30.48 ? 138 VAL A C   1 
ATOM   314 O O   . VAL A 1 42 ? 4.980   -1.798  1.389   1.00 30.58 ? 138 VAL A O   1 
ATOM   315 C CB  . VAL A 1 42 ? 2.523   -1.779  -0.483  1.00 31.16 ? 138 VAL A CB  1 
ATOM   316 C CG1 . VAL A 1 42 ? 3.443   -2.227  -1.610  1.00 30.99 ? 138 VAL A CG1 1 
ATOM   317 C CG2 . VAL A 1 42 ? 1.111   -1.961  -0.902  1.00 31.69 ? 138 VAL A CG2 1 
ATOM   318 N N   . GLU A 1 43 ? 4.671   -4.001  1.186   1.00 29.96 ? 139 GLU A N   1 
ATOM   319 C CA  . GLU A 1 43 ? 6.044   -4.333  1.499   1.00 29.62 ? 139 GLU A CA  1 
ATOM   320 C C   . GLU A 1 43 ? 6.707   -4.806  0.226   1.00 29.34 ? 139 GLU A C   1 
ATOM   321 O O   . GLU A 1 43 ? 6.264   -5.767  -0.380  1.00 29.42 ? 139 GLU A O   1 
ATOM   322 C CB  . GLU A 1 43 ? 6.086   -5.414  2.586   1.00 29.39 ? 139 GLU A CB  1 
ATOM   323 C CG  . GLU A 1 43 ? 7.457   -5.740  3.132   1.00 29.44 ? 139 GLU A CG  1 
ATOM   324 C CD  . GLU A 1 43 ? 7.457   -6.909  4.115   1.00 30.17 ? 139 GLU A CD  1 
ATOM   325 O OE1 . GLU A 1 43 ? 6.587   -7.804  3.994   1.00 32.59 ? 139 GLU A OE1 1 
ATOM   326 O OE2 . GLU A 1 43 ? 8.336   -6.948  5.008   1.00 30.03 ? 139 GLU A OE2 1 
ATOM   327 N N   . ILE A 1 44 ? 7.740   -4.091  -0.197  1.00 29.17 ? 140 ILE A N   1 
ATOM   328 C CA  . ILE A 1 44 ? 8.584   -4.487  -1.312  1.00 28.94 ? 140 ILE A CA  1 
ATOM   329 C C   . ILE A 1 44 ? 10.022  -4.201  -0.900  1.00 29.35 ? 140 ILE A C   1 
ATOM   330 O O   . ILE A 1 44 ? 10.352  -3.066  -0.509  1.00 29.35 ? 140 ILE A O   1 
ATOM   331 C CB  . ILE A 1 44 ? 8.296   -3.661  -2.583  1.00 28.74 ? 140 ILE A CB  1 
ATOM   332 C CG1 . ILE A 1 44 ? 6.804   -3.614  -2.893  1.00 29.12 ? 140 ILE A CG1 1 
ATOM   333 C CG2 . ILE A 1 44 ? 9.050   -4.222  -3.771  1.00 28.73 ? 140 ILE A CG2 1 
ATOM   334 C CD1 . ILE A 1 44 ? 6.368   -2.355  -3.600  1.00 29.11 ? 140 ILE A CD1 1 
ATOM   335 N N   . GLY A 1 45 ? 10.873  -5.221  -0.980  1.00 29.28 ? 141 GLY A N   1 
ATOM   336 C CA  . GLY A 1 45 ? 12.309  -5.044  -0.771  1.00 29.41 ? 141 GLY A CA  1 
ATOM   337 C C   . GLY A 1 45 ? 12.711  -5.446  0.621   1.00 29.60 ? 141 GLY A C   1 
ATOM   338 O O   . GLY A 1 45 ? 13.550  -6.321  0.825   1.00 29.98 ? 141 GLY A O   1 
ATOM   339 N N   . GLY A 1 46 ? 12.074  -4.808  1.581   1.00 29.83 ? 142 GLY A N   1 
ATOM   340 C CA  . GLY A 1 46 ? 12.292  -5.064  2.991   1.00 30.17 ? 142 GLY A CA  1 
ATOM   341 C C   . GLY A 1 46 ? 11.753  -3.826  3.660   1.00 30.43 ? 142 GLY A C   1 
ATOM   342 O O   . GLY A 1 46 ? 12.003  -3.576  4.829   1.00 31.04 ? 142 GLY A O   1 
ATOM   343 N N   . ILE A 1 47 ? 11.007  -3.050  2.880   1.00 30.17 ? 143 ILE A N   1 
ATOM   344 C CA  . ILE A 1 47 ? 10.488  -1.771  3.299   1.00 29.62 ? 143 ILE A CA  1 
ATOM   345 C C   . ILE A 1 47 ? 8.996   -1.828  3.192   1.00 29.88 ? 143 ILE A C   1 
ATOM   346 O O   . ILE A 1 47 ? 8.466   -2.098  2.130   1.00 30.15 ? 143 ILE A O   1 
ATOM   347 C CB  . ILE A 1 47 ? 11.020  -0.646  2.391   1.00 29.36 ? 143 ILE A CB  1 
ATOM   348 C CG1 . ILE A 1 47 ? 12.551  -0.600  2.455   1.00 28.58 ? 143 ILE A CG1 1 
ATOM   349 C CG2 . ILE A 1 47 ? 10.393  0.694   2.760   1.00 28.29 ? 143 ILE A CG2 1 
ATOM   350 C CD1 . ILE A 1 47 ? 13.167  0.603   1.787   1.00 29.34 ? 143 ILE A CD1 1 
ATOM   351 N N   . LYS A 1 48 ? 8.314   -1.588  4.303   1.00 30.46 ? 144 LYS A N   1 
ATOM   352 C CA  . LYS A 1 48 ? 6.865   -1.459  4.262   1.00 30.80 ? 144 LYS A CA  1 
ATOM   353 C C   . LYS A 1 48 ? 6.525   -0.011  4.012   1.00 30.39 ? 144 LYS A C   1 
ATOM   354 O O   . LYS A 1 48 ? 6.982   0.857   4.757   1.00 29.87 ? 144 LYS A O   1 
ATOM   355 C CB  . LYS A 1 48 ? 6.224   -1.885  5.588   1.00 31.05 ? 144 LYS A CB  1 
ATOM   356 C CG  . LYS A 1 48 ? 6.671   -3.211  6.169   1.00 32.98 ? 144 LYS A CG  1 
ATOM   357 C CD  . LYS A 1 48 ? 5.608   -3.630  7.203   1.00 36.21 ? 144 LYS A CD  1 
ATOM   358 C CE  . LYS A 1 48 ? 6.149   -4.664  8.220   1.00 37.70 ? 144 LYS A CE  1 
ATOM   359 N NZ  . LYS A 1 48 ? 5.209   -4.868  9.384   1.00 36.46 ? 144 LYS A NZ  1 
ATOM   360 N N   . TYR A 1 49 ? 5.703   0.245   2.974   1.00 30.53 ? 145 TYR A N   1 
ATOM   361 C CA  . TYR A 1 49 ? 5.226   1.590   2.686   1.00 31.35 ? 145 TYR A CA  1 
ATOM   362 C C   . TYR A 1 49 ? 3.806   1.750   3.195   1.00 32.01 ? 145 TYR A C   1 
ATOM   363 O O   . TYR A 1 49 ? 3.006   0.902   2.901   1.00 33.30 ? 145 TYR A O   1 
ATOM   364 C CB  . TYR A 1 49 ? 5.238   1.783   1.189   1.00 31.10 ? 145 TYR A CB  1 
ATOM   365 C CG  . TYR A 1 49 ? 6.577   1.492   0.557   1.00 30.95 ? 145 TYR A CG  1 
ATOM   366 C CD1 . TYR A 1 49 ? 6.864   0.230   0.071   1.00 30.46 ? 145 TYR A CD1 1 
ATOM   367 C CD2 . TYR A 1 49 ? 7.533   2.482   0.448   1.00 30.92 ? 145 TYR A CD2 1 
ATOM   368 C CE1 . TYR A 1 49 ? 8.055   -0.033  -0.500  1.00 29.98 ? 145 TYR A CE1 1 
ATOM   369 C CE2 . TYR A 1 49 ? 8.741   2.228   -0.130  1.00 30.99 ? 145 TYR A CE2 1 
ATOM   370 C CZ  . TYR A 1 49 ? 9.009   0.975   -0.608  1.00 31.03 ? 145 TYR A CZ  1 
ATOM   371 O OH  . TYR A 1 49 ? 10.228  0.732   -1.187  1.00 32.17 ? 145 TYR A OH  1 
ATOM   372 N N   . THR A 1 50 ? 3.468   2.807   3.934   1.00 32.16 ? 146 THR A N   1 
ATOM   373 C CA  . THR A 1 50 ? 2.152   2.858   4.579   1.00 32.60 ? 146 THR A CA  1 
ATOM   374 C C   . THR A 1 50 ? 1.233   3.932   4.027   1.00 32.73 ? 146 THR A C   1 
ATOM   375 O O   . THR A 1 50 ? 1.587   5.107   3.964   1.00 32.55 ? 146 THR A O   1 
ATOM   376 C CB  . THR A 1 50 ? 2.265   2.988   6.115   1.00 33.06 ? 146 THR A CB  1 
ATOM   377 O OG1 . THR A 1 50 ? 3.042   1.886   6.626   1.00 35.21 ? 146 THR A OG1 1 
ATOM   378 C CG2 . THR A 1 50 ? 0.883   2.976   6.780   1.00 31.70 ? 146 THR A CG2 1 
ATOM   379 N N   . GLY A 1 51 ? 0.030   3.516   3.646   1.00 32.81 ? 147 GLY A N   1 
ATOM   380 C CA  . GLY A 1 51 ? -0.965  4.451   3.145   1.00 32.78 ? 147 GLY A CA  1 
ATOM   381 C C   . GLY A 1 51 ? -1.574  5.311   4.225   1.00 32.72 ? 147 GLY A C   1 
ATOM   382 O O   . GLY A 1 51 ? -1.532  4.972   5.406   1.00 33.56 ? 147 GLY A O   1 
ATOM   383 N N   . ALA A 1 52 ? -2.148  6.426   3.799   1.00 32.24 ? 148 ALA A N   1 
ATOM   384 C CA  . ALA A 1 52 ? -2.932  7.296   4.642   1.00 31.83 ? 148 ALA A CA  1 
ATOM   385 C C   . ALA A 1 52 ? -4.118  6.535   5.192   1.00 31.51 ? 148 ALA A C   1 
ATOM   386 O O   . ALA A 1 52 ? -4.536  5.557   4.626   1.00 31.67 ? 148 ALA A O   1 
ATOM   387 C CB  . ALA A 1 52 ? -3.417  8.459   3.812   1.00 32.40 ? 148 ALA A CB  1 
ATOM   388 N N   . ALA A 1 53 ? -4.653  6.986   6.315   1.00 31.70 ? 149 ALA A N   1 
ATOM   389 C CA  . ALA A 1 53 ? -5.831  6.369   6.903   1.00 31.41 ? 149 ALA A CA  1 
ATOM   390 C C   . ALA A 1 53 ? -7.061  6.941   6.211   1.00 31.74 ? 149 ALA A C   1 
ATOM   391 O O   . ALA A 1 53 ? -7.158  8.166   6.010   1.00 31.76 ? 149 ALA A O   1 
ATOM   392 C CB  . ALA A 1 53 ? -5.860  6.663   8.359   1.00 31.10 ? 149 ALA A CB  1 
ATOM   393 N N   . THR A 1 54 ? -7.980  6.061   5.809   1.00 31.68 ? 150 THR A N   1 
ATOM   394 C CA  . THR A 1 54 ? -9.206  6.471   5.095   1.00 31.65 ? 150 THR A CA  1 
ATOM   395 C C   . THR A 1 54 ? -10.349 5.535   5.458   1.00 31.75 ? 150 THR A C   1 
ATOM   396 O O   . THR A 1 54 ? -10.107 4.496   6.040   1.00 32.45 ? 150 THR A O   1 
ATOM   397 C CB  . THR A 1 54 ? -9.011  6.479   3.544   1.00 31.47 ? 150 THR A CB  1 
ATOM   398 O OG1 . THR A 1 54 ? -8.895  5.139   3.057   1.00 31.86 ? 150 THR A OG1 1 
ATOM   399 C CG2 . THR A 1 54 ? -7.767  7.252   3.142   1.00 30.49 ? 150 THR A CG2 1 
ATOM   400 N N   . ARG A 1 55 ? -11.589 5.889   5.137   1.00 31.97 ? 151 ARG A N   1 
ATOM   401 C CA  . ARG A 1 55 ? -12.709 4.948   5.331   1.00 32.00 ? 151 ARG A CA  1 
ATOM   402 C C   . ARG A 1 55 ? -13.181 4.424   3.995   1.00 31.82 ? 151 ARG A C   1 
ATOM   403 O O   . ARG A 1 55 ? -14.090 4.979   3.372   1.00 32.02 ? 151 ARG A O   1 
ATOM   404 C CB  . ARG A 1 55 ? -13.884 5.553   6.115   1.00 32.02 ? 151 ARG A CB  1 
ATOM   405 C CG  . ARG A 1 55 ? -15.062 4.569   6.315   1.00 32.09 ? 151 ARG A CG  1 
ATOM   406 C CD  . ARG A 1 55 ? -16.141 5.167   7.209   1.00 32.38 ? 151 ARG A CD  1 
ATOM   407 N NE  . ARG A 1 55 ? -17.269 4.261   7.430   1.00 32.94 ? 151 ARG A NE  1 
ATOM   408 C CZ  . ARG A 1 55 ? -18.341 4.547   8.176   1.00 33.25 ? 151 ARG A CZ  1 
ATOM   409 N NH1 . ARG A 1 55 ? -18.446 5.720   8.805   1.00 32.27 ? 151 ARG A NH1 1 
ATOM   410 N NH2 . ARG A 1 55 ? -19.318 3.650   8.301   1.00 32.82 ? 151 ARG A NH2 1 
ATOM   411 N N   . THR A 1 56 ? -12.501 3.366   3.570   1.00 31.65 ? 152 THR A N   1 
ATOM   412 C CA  . THR A 1 56 ? -12.770 2.529   2.386   1.00 31.66 ? 152 THR A CA  1 
ATOM   413 C C   . THR A 1 56 ? -11.429 1.952   1.984   1.00 31.61 ? 152 THR A C   1 
ATOM   414 O O   . THR A 1 56 ? -10.424 2.656   1.957   1.00 31.38 ? 152 THR A O   1 
ATOM   415 C CB  . THR A 1 56 ? -13.560 3.194   1.168   1.00 31.67 ? 152 THR A CB  1 
ATOM   416 O OG1 . THR A 1 56 ? -13.503 2.335   0.021   1.00 30.63 ? 152 THR A OG1 1 
ATOM   417 C CG2 . THR A 1 56 ? -13.017 4.552   0.784   1.00 31.64 ? 152 THR A CG2 1 
ATOM   418 N N   . LYS A 1 57 ? -11.425 0.654   1.714   1.00 31.72 ? 153 LYS A N   1 
ATOM   419 C CA  . LYS A 1 57 ? -10.201 -0.062  1.461   1.00 32.11 ? 153 LYS A CA  1 
ATOM   420 C C   . LYS A 1 57 ? -9.553  0.329   0.141   1.00 32.28 ? 153 LYS A C   1 
ATOM   421 O O   . LYS A 1 57 ? -8.338  0.406   0.076   1.00 32.57 ? 153 LYS A O   1 
ATOM   422 C CB  . LYS A 1 57 ? -10.472 -1.553  1.483   1.00 32.51 ? 153 LYS A CB  1 
ATOM   423 C CG  . LYS A 1 57 ? -9.291  -2.427  1.864   1.00 33.36 ? 153 LYS A CG  1 
ATOM   424 C CD  . LYS A 1 57 ? -9.734  -3.846  1.575   1.00 35.52 ? 153 LYS A CD  1 
ATOM   425 C CE  . LYS A 1 57 ? -8.686  -4.854  1.952   1.00 36.96 ? 153 LYS A CE  1 
ATOM   426 N NZ  . LYS A 1 57 ? -9.233  -6.237  1.578   1.00 36.94 ? 153 LYS A NZ  1 
ATOM   427 N N   . LYS A 1 58 ? -10.339 0.575   -0.909  1.00 32.21 ? 154 LYS A N   1 
ATOM   428 C CA  . LYS A 1 58 ? -9.746  1.018   -2.176  1.00 32.01 ? 154 LYS A CA  1 
ATOM   429 C C   . LYS A 1 58 ? -8.874  2.268   -1.983  1.00 32.05 ? 154 LYS A C   1 
ATOM   430 O O   . LYS A 1 58 ? -7.654  2.199   -2.155  1.00 31.67 ? 154 LYS A O   1 
ATOM   431 C CB  . LYS A 1 58 ? -10.786 1.192   -3.288  1.00 31.90 ? 154 LYS A CB  1 
ATOM   432 C CG  . LYS A 1 58 ? -10.803 0.034   -4.283  1.00 31.75 ? 154 LYS A CG  1 
ATOM   433 C CD  . LYS A 1 58 ? -12.015 0.119   -5.216  1.00 32.55 ? 154 LYS A CD  1 
ATOM   434 C CE  . LYS A 1 58 ? -12.365 -1.238  -5.842  1.00 31.58 ? 154 LYS A CE  1 
ATOM   435 N NZ  . LYS A 1 58 ? -13.863 -1.328  -6.269  1.00 30.67 ? 154 LYS A NZ  1 
ATOM   436 N N   . ASP A 1 59 ? -9.497  3.390   -1.616  1.00 32.16 ? 155 ASP A N   1 
ATOM   437 C CA  . ASP A 1 59 ? -8.768  4.556   -1.122  1.00 32.44 ? 155 ASP A CA  1 
ATOM   438 C C   . ASP A 1 59 ? -7.400  4.176   -0.513  1.00 32.57 ? 155 ASP A C   1 
ATOM   439 O O   . ASP A 1 59 ? -6.355  4.391   -1.118  1.00 33.11 ? 155 ASP A O   1 
ATOM   440 C CB  . ASP A 1 59 ? -9.604  5.281   -0.065  1.00 32.37 ? 155 ASP A CB  1 
ATOM   441 C CG  . ASP A 1 59 ? -10.296 6.501   -0.600  1.00 33.10 ? 155 ASP A CG  1 
ATOM   442 O OD1 . ASP A 1 59 ? -9.847  7.014   -1.641  1.00 35.21 ? 155 ASP A OD1 1 
ATOM   443 O OD2 . ASP A 1 59 ? -11.278 6.970   0.028   1.00 33.81 ? 155 ASP A OD2 1 
ATOM   444 N N   . ALA A 1 60 ? -7.410  3.599   0.678   1.00 32.25 ? 156 ALA A N   1 
ATOM   445 C CA  . ALA A 1 60 ? -6.174  3.329   1.374   1.00 32.30 ? 156 ALA A CA  1 
ATOM   446 C C   . ALA A 1 60 ? -5.284  2.338   0.623   1.00 32.33 ? 156 ALA A C   1 
ATOM   447 O O   . ALA A 1 60 ? -4.066  2.470   0.657   1.00 33.21 ? 156 ALA A O   1 
ATOM   448 C CB  . ALA A 1 60 ? -6.454  2.847   2.802   1.00 32.41 ? 156 ALA A CB  1 
ATOM   449 N N   . GLU A 1 61 ? -5.871  1.351   -0.055  1.00 31.45 ? 157 GLU A N   1 
ATOM   450 C CA  . GLU A 1 61 ? -5.071  0.404   -0.824  1.00 30.84 ? 157 GLU A CA  1 
ATOM   451 C C   . GLU A 1 61 ? -4.203  1.189   -1.787  1.00 29.94 ? 157 GLU A C   1 
ATOM   452 O O   . GLU A 1 61 ? -3.039  0.858   -1.997  1.00 29.94 ? 157 GLU A O   1 
ATOM   453 C CB  . GLU A 1 61 ? -5.940  -0.596  -1.597  1.00 30.46 ? 157 GLU A CB  1 
ATOM   454 C CG  . GLU A 1 61 ? -6.217  -1.897  -0.877  1.00 31.19 ? 157 GLU A CG  1 
ATOM   455 C CD  . GLU A 1 61 ? -7.150  -2.814  -1.650  1.00 32.38 ? 157 GLU A CD  1 
ATOM   456 O OE1 . GLU A 1 61 ? -7.406  -2.527  -2.838  1.00 36.08 ? 157 GLU A OE1 1 
ATOM   457 O OE2 . GLU A 1 61 ? -7.627  -3.833  -1.096  1.00 33.34 ? 157 GLU A OE2 1 
ATOM   458 N N   . ILE A 1 62 ? -4.786  2.248   -2.343  1.00 29.18 ? 158 ILE A N   1 
ATOM   459 C CA  . ILE A 1 62 ? -4.164  3.042   -3.389  1.00 28.24 ? 158 ILE A CA  1 
ATOM   460 C C   . ILE A 1 62 ? -3.173  4.027   -2.820  1.00 27.77 ? 158 ILE A C   1 
ATOM   461 O O   . ILE A 1 62 ? -2.040  4.081   -3.287  1.00 27.43 ? 158 ILE A O   1 
ATOM   462 C CB  . ILE A 1 62 ? -5.211  3.753   -4.247  1.00 28.30 ? 158 ILE A CB  1 
ATOM   463 C CG1 . ILE A 1 62 ? -6.075  2.711   -4.960  1.00 28.12 ? 158 ILE A CG1 1 
ATOM   464 C CG2 . ILE A 1 62 ? -4.540  4.676   -5.249  1.00 28.81 ? 158 ILE A CG2 1 
ATOM   465 C CD1 . ILE A 1 62 ? -7.228  3.286   -5.737  1.00 28.26 ? 158 ILE A CD1 1 
ATOM   466 N N   . SER A 1 63 ? -3.580  4.792   -1.807  1.00 27.45 ? 159 SER A N   1 
ATOM   467 C CA  . SER A 1 63 ? -2.641  5.674   -1.115  1.00 27.42 ? 159 SER A CA  1 
ATOM   468 C C   . SER A 1 63 ? -1.383  4.913   -0.787  1.00 27.66 ? 159 SER A C   1 
ATOM   469 O O   . SER A 1 63 ? -0.279  5.398   -1.048  1.00 28.34 ? 159 SER A O   1 
ATOM   470 C CB  . SER A 1 63 ? -3.202  6.236   0.183   1.00 27.32 ? 159 SER A CB  1 
ATOM   471 O OG  . SER A 1 63 ? -2.191  7.015   0.827   1.00 26.70 ? 159 SER A OG  1 
ATOM   472 N N   . ALA A 1 64 ? -1.558  3.720   -0.222  1.00 27.35 ? 160 ALA A N   1 
ATOM   473 C CA  . ALA A 1 64 ? -0.449  2.862   0.149   1.00 27.15 ? 160 ALA A CA  1 
ATOM   474 C C   . ALA A 1 64 ? 0.470   2.627   -1.021  1.00 27.05 ? 160 ALA A C   1 
ATOM   475 O O   . ALA A 1 64 ? 1.664   2.810   -0.901  1.00 27.25 ? 160 ALA A O   1 
ATOM   476 C CB  . ALA A 1 64 ? -0.959  1.565   0.679   1.00 27.59 ? 160 ALA A CB  1 
ATOM   477 N N   . GLY A 1 65 ? -0.104  2.239   -2.154  1.00 27.06 ? 161 GLY A N   1 
ATOM   478 C CA  . GLY A 1 65 ? 0.627   2.130   -3.412  1.00 27.16 ? 161 GLY A CA  1 
ATOM   479 C C   . GLY A 1 65 ? 1.220   3.451   -3.890  1.00 27.46 ? 161 GLY A C   1 
ATOM   480 O O   . GLY A 1 65 ? 2.387   3.509   -4.259  1.00 27.21 ? 161 GLY A O   1 
ATOM   481 N N   . ARG A 1 66 ? 0.436   4.524   -3.873  1.00 27.58 ? 162 ARG A N   1 
ATOM   482 C CA  . ARG A 1 66 ? 0.983   5.821   -4.250  1.00 28.19 ? 162 ARG A CA  1 
ATOM   483 C C   . ARG A 1 66 ? 2.192   6.159   -3.424  1.00 28.14 ? 162 ARG A C   1 
ATOM   484 O O   . ARG A 1 66 ? 3.055   6.884   -3.885  1.00 28.67 ? 162 ARG A O   1 
ATOM   485 C CB  . ARG A 1 66 ? -0.023  6.942   -4.067  1.00 28.43 ? 162 ARG A CB  1 
ATOM   486 C CG  . ARG A 1 66 ? -0.803  7.290   -5.301  1.00 29.38 ? 162 ARG A CG  1 
ATOM   487 C CD  . ARG A 1 66 ? -1.535  8.602   -5.088  1.00 31.43 ? 162 ARG A CD  1 
ATOM   488 N NE  . ARG A 1 66 ? -2.983  8.412   -5.333  1.00 34.73 ? 162 ARG A NE  1 
ATOM   489 C CZ  . ARG A 1 66 ? -3.783  9.351   -5.850  1.00 34.45 ? 162 ARG A CZ  1 
ATOM   490 N NH1 . ARG A 1 66 ? -3.281  10.566  -6.195  1.00 34.72 ? 162 ARG A NH1 1 
ATOM   491 N NH2 . ARG A 1 66 ? -5.081  9.062   -6.038  1.00 34.08 ? 162 ARG A NH2 1 
ATOM   492 N N   . THR A 1 67 ? 2.254   5.655   -2.196  1.00 27.98 ? 163 THR A N   1 
ATOM   493 C CA  . THR A 1 67 ? 3.432   5.868   -1.375  1.00 27.87 ? 163 THR A CA  1 
ATOM   494 C C   . THR A 1 67 ? 4.556   5.046   -1.968  1.00 28.37 ? 163 THR A C   1 
ATOM   495 O O   . THR A 1 67 ? 5.664   5.570   -2.198  1.00 28.64 ? 163 THR A O   1 
ATOM   496 C CB  . THR A 1 67 ? 3.204   5.486   0.077   1.00 27.65 ? 163 THR A CB  1 
ATOM   497 O OG1 . THR A 1 67 ? 1.969   6.054   0.525   1.00 28.00 ? 163 THR A OG1 1 
ATOM   498 C CG2 . THR A 1 67 ? 4.310   6.024   0.930   1.00 27.25 ? 163 THR A CG2 1 
ATOM   499 N N   . ALA A 1 68 ? 4.256   3.778   -2.264  1.00 28.05 ? 164 ALA A N   1 
ATOM   500 C CA  . ALA A 1 68 ? 5.240   2.875   -2.843  1.00 28.21 ? 164 ALA A CA  1 
ATOM   501 C C   . ALA A 1 68 ? 5.869   3.373   -4.143  1.00 28.71 ? 164 ALA A C   1 
ATOM   502 O O   . ALA A 1 68 ? 7.072   3.326   -4.270  1.00 29.37 ? 164 ALA A O   1 
ATOM   503 C CB  . ALA A 1 68 ? 4.656   1.548   -3.043  1.00 28.24 ? 164 ALA A CB  1 
ATOM   504 N N   . LEU A 1 69 ? 5.074   3.864   -5.093  1.00 29.03 ? 165 LEU A N   1 
ATOM   505 C CA  . LEU A 1 69 ? 5.594   4.272   -6.404  1.00 28.94 ? 165 LEU A CA  1 
ATOM   506 C C   . LEU A 1 69 ? 6.387   5.553   -6.296  1.00 29.55 ? 165 LEU A C   1 
ATOM   507 O O   . LEU A 1 69 ? 7.355   5.759   -7.030  1.00 29.75 ? 165 LEU A O   1 
ATOM   508 C CB  . LEU A 1 69 ? 4.467   4.503   -7.406  1.00 28.62 ? 165 LEU A CB  1 
ATOM   509 C CG  . LEU A 1 69 ? 3.571   3.359   -7.902  1.00 28.99 ? 165 LEU A CG  1 
ATOM   510 C CD1 . LEU A 1 69 ? 2.248   3.925   -8.420  1.00 29.18 ? 165 LEU A CD1 1 
ATOM   511 C CD2 . LEU A 1 69 ? 4.278   2.606   -9.007  1.00 30.03 ? 165 LEU A CD2 1 
ATOM   512 N N   . LEU A 1 70 ? 5.974   6.428   -5.387  1.00 29.85 ? 166 LEU A N   1 
ATOM   513 C CA  . LEU A 1 70 ? 6.526   7.778   -5.382  1.00 29.82 ? 166 LEU A CA  1 
ATOM   514 C C   . LEU A 1 70 ? 7.857   7.802   -4.700  1.00 29.82 ? 166 LEU A C   1 
ATOM   515 O O   . LEU A 1 70 ? 8.703   8.653   -4.990  1.00 30.40 ? 166 LEU A O   1 
ATOM   516 C CB  . LEU A 1 70 ? 5.569   8.772   -4.741  1.00 29.45 ? 166 LEU A CB  1 
ATOM   517 C CG  . LEU A 1 70 ? 4.297   8.954   -5.556  1.00 29.22 ? 166 LEU A CG  1 
ATOM   518 C CD1 . LEU A 1 70 ? 3.491   10.033  -4.919  1.00 30.17 ? 166 LEU A CD1 1 
ATOM   519 C CD2 . LEU A 1 70 ? 4.616   9.304   -6.994  1.00 29.90 ? 166 LEU A CD2 1 
ATOM   520 N N   . ALA A 1 71 ? 8.020   6.868   -3.781  1.00 29.82 ? 167 ALA A N   1 
ATOM   521 C CA  . ALA A 1 71 ? 9.261   6.676   -3.084  1.00 30.12 ? 167 ALA A CA  1 
ATOM   522 C C   . ALA A 1 71 ? 10.219  6.142   -4.123  1.00 30.39 ? 167 ALA A C   1 
ATOM   523 O O   . ALA A 1 71 ? 11.287  6.699   -4.335  1.00 30.70 ? 167 ALA A O   1 
ATOM   524 C CB  . ALA A 1 71 ? 9.055   5.673   -1.975  1.00 30.37 ? 167 ALA A CB  1 
ATOM   525 N N   . ILE A 1 72 ? 9.791   5.073   -4.788  1.00 30.70 ? 168 ILE A N   1 
ATOM   526 C CA  . ILE A 1 72 ? 10.507  4.436   -5.876  1.00 30.95 ? 168 ILE A CA  1 
ATOM   527 C C   . ILE A 1 72 ? 11.025  5.453   -6.888  1.00 31.19 ? 168 ILE A C   1 
ATOM   528 O O   . ILE A 1 72 ? 12.218  5.517   -7.129  1.00 31.68 ? 168 ILE A O   1 
ATOM   529 C CB  . ILE A 1 72 ? 9.581   3.423   -6.586  1.00 31.17 ? 168 ILE A CB  1 
ATOM   530 C CG1 . ILE A 1 72 ? 9.495   2.124   -5.793  1.00 30.45 ? 168 ILE A CG1 1 
ATOM   531 C CG2 . ILE A 1 72 ? 10.037  3.161   -8.022  1.00 31.70 ? 168 ILE A CG2 1 
ATOM   532 C CD1 . ILE A 1 72 ? 8.250   1.353   -6.106  1.00 31.01 ? 168 ILE A CD1 1 
ATOM   533 N N   . GLN A 1 73 ? 10.123  6.237   -7.468  1.00 31.25 ? 169 GLN A N   1 
ATOM   534 C CA  . GLN A 1 73 ? 10.482  7.282   -8.407  1.00 31.62 ? 169 GLN A CA  1 
ATOM   535 C C   . GLN A 1 73 ? 11.734  8.055   -7.997  1.00 31.40 ? 169 GLN A C   1 
ATOM   536 O O   . GLN A 1 73 ? 12.635  8.223   -8.820  1.00 31.86 ? 169 GLN A O   1 
ATOM   537 C CB  . GLN A 1 73 ? 9.305   8.234   -8.636  1.00 31.76 ? 169 GLN A CB  1 
ATOM   538 C CG  . GLN A 1 73 ? 8.208   7.644   -9.561  1.00 32.98 ? 169 GLN A CG  1 
ATOM   539 C CD  . GLN A 1 73 ? 6.958   8.524   -9.654  1.00 32.95 ? 169 GLN A CD  1 
ATOM   540 O OE1 . GLN A 1 73 ? 7.045   9.800   -9.513  1.00 34.30 ? 169 GLN A OE1 1 
ATOM   541 N NE2 . GLN A 1 73 ? 5.785   7.832   -9.932  1.00 33.80 ? 169 GLN A NE2 1 
ATOM   542 N N   . SER A 1 74 ? 11.818  8.508   -6.745  1.00 31.00 ? 170 SER A N   1 
ATOM   543 C CA  . SER A 1 74 ? 13.018  9.232   -6.302  1.00 30.59 ? 170 SER A CA  1 
ATOM   544 C C   . SER A 1 74 ? 14.078  8.269   -5.804  1.00 30.60 ? 170 SER A C   1 
ATOM   545 O O   . SER A 1 74 ? 14.815  7.689   -6.602  1.00 30.70 ? 170 SER A O   1 
ATOM   546 C CB  . SER A 1 74 ? 12.701  10.281  -5.239  1.00 30.55 ? 170 SER A CB  1 
ATOM   547 O OG  . SER A 1 74 ? 11.751  9.795   -4.315  1.00 29.48 ? 170 SER A OG  1 
HETATM 548 O O   . HOH B 2 .  ? -24.183 12.485  11.408  1.00 43.68 ? 201 HOH A O   1 
HETATM 549 O O   . HOH B 2 .  ? 2.902   -2.035  10.138  1.00 35.99 ? 202 HOH A O   1 
HETATM 550 O O   . HOH B 2 .  ? -16.368 -3.205  -4.848  1.00 54.94 ? 203 HOH A O   1 
HETATM 551 O O   . HOH B 2 .  ? -5.300  2.331   11.300  1.00 26.42 ? 204 HOH A O   1 
HETATM 552 O O   . HOH B 2 .  ? 3.763   8.858   -10.140 1.00 45.72 ? 205 HOH A O   1 
# 
loop_
_pdbx_poly_seq_scheme.asym_id 
_pdbx_poly_seq_scheme.entity_id 
_pdbx_poly_seq_scheme.seq_id 
_pdbx_poly_seq_scheme.mon_id 
_pdbx_poly_seq_scheme.ndb_seq_num 
_pdbx_poly_seq_scheme.pdb_seq_num 
_pdbx_poly_seq_scheme.auth_seq_num 
_pdbx_poly_seq_scheme.pdb_mon_id 
_pdbx_poly_seq_scheme.auth_mon_id 
_pdbx_poly_seq_scheme.pdb_strand_id 
_pdbx_poly_seq_scheme.pdb_ins_code 
_pdbx_poly_seq_scheme.hetero 
A 1 1  GLY 1  97  ?   ?   ?   A . n 
A 1 2  SER 2  98  ?   ?   ?   A . n 
A 1 3  HIS 3  99  99  HIS ALA A . n 
A 1 4  GLY 4  100 100 GLY GLY A . n 
A 1 5  LEU 5  101 101 LEU LEU A . n 
A 1 6  CYS 6  102 102 CYS CYS A . n 
A 1 7  LYS 7  103 103 LYS LYS A . n 
A 1 8  ASN 8  104 104 ASN ASN A . n 
A 1 9  LEU 9  105 105 LEU LEU A . n 
A 1 10 LEU 10 106 106 LEU LEU A . n 
A 1 11 GLN 11 107 107 GLN GLN A . n 
A 1 12 GLU 12 108 108 GLU GLU A . n 
A 1 13 TYR 13 109 109 TYR TYR A . n 
A 1 14 ALA 14 110 110 ALA ALA A . n 
A 1 15 GLN 15 111 111 GLN GLN A . n 
A 1 16 LYS 16 112 112 LYS LYS A . n 
A 1 17 MET 17 113 113 MET MET A . n 
A 1 18 ASN 18 114 114 ASN ASN A . n 
A 1 19 TYR 19 115 115 TYR TYR A . n 
A 1 20 ALA 20 116 116 ALA ALA A . n 
A 1 21 ILE 21 117 117 ILE ILE A . n 
A 1 22 PRO 22 118 118 PRO PRO A . n 
A 1 23 LEU 23 119 119 LEU LEU A . n 
A 1 24 TYR 24 120 120 TYR TYR A . n 
A 1 25 GLN 25 121 121 GLN GLN A . n 
A 1 26 CYS 26 122 122 CYS CYS A . n 
A 1 27 GLN 27 123 123 GLN GLN A . n 
A 1 28 LYS 28 124 124 LYS LYS A . n 
A 1 29 VAL 29 125 125 VAL VAL A . n 
A 1 30 GLU 30 126 126 GLU GLU A . n 
A 1 31 THR 31 127 127 THR THR A . n 
A 1 32 LEU 32 128 128 LEU LEU A . n 
A 1 33 GLY 33 129 129 GLY GLY A . n 
A 1 34 ARG 34 130 130 ARG ARG A . n 
A 1 35 VAL 35 131 131 VAL VAL A . n 
A 1 36 THR 36 132 132 THR THR A . n 
A 1 37 GLN 37 133 133 GLN GLN A . n 
A 1 38 PHE 38 134 134 PHE PHE A . n 
A 1 39 THR 39 135 135 THR THR A . n 
A 1 40 CYS 40 136 136 CYS CYS A . n 
A 1 41 THR 41 137 137 THR THR A . n 
A 1 42 VAL 42 138 138 VAL VAL A . n 
A 1 43 GLU 43 139 139 GLU GLU A . n 
A 1 44 ILE 44 140 140 ILE ILE A . n 
A 1 45 GLY 45 141 141 GLY GLY A . n 
A 1 46 GLY 46 142 142 GLY GLY A . n 
A 1 47 ILE 47 143 143 ILE ILE A . n 
A 1 48 LYS 48 144 144 LYS LYS A . n 
A 1 49 TYR 49 145 145 TYR TYR A . n 
A 1 50 THR 50 146 146 THR THR A . n 
A 1 51 GLY 51 147 147 GLY GLY A . n 
A 1 52 ALA 52 148 148 ALA ALA A . n 
A 1 53 ALA 53 149 149 ALA ALA A . n 
A 1 54 THR 54 150 150 THR THR A . n 
A 1 55 ARG 55 151 151 ARG ARG A . n 
A 1 56 THR 56 152 152 THR THR A . n 
A 1 57 LYS 57 153 153 LYS LYS A . n 
A 1 58 LYS 58 154 154 LYS LYS A . n 
A 1 59 ASP 59 155 155 ASP ASP A . n 
A 1 60 ALA 60 156 156 ALA ALA A . n 
A 1 61 GLU 61 157 157 GLU GLU A . n 
A 1 62 ILE 62 158 158 ILE ILE A . n 
A 1 63 SER 63 159 159 SER SER A . n 
A 1 64 ALA 64 160 160 ALA ALA A . n 
A 1 65 GLY 65 161 161 GLY GLY A . n 
A 1 66 ARG 66 162 162 ARG ARG A . n 
A 1 67 THR 67 163 163 THR THR A . n 
A 1 68 ALA 68 164 164 ALA ALA A . n 
A 1 69 LEU 69 165 165 LEU LEU A . n 
A 1 70 LEU 70 166 166 LEU LEU A . n 
A 1 71 ALA 71 167 167 ALA ALA A . n 
A 1 72 ILE 72 168 168 ILE ILE A . n 
A 1 73 GLN 73 169 169 GLN GLN A . n 
A 1 74 SER 74 170 170 SER SER A . n 
A 1 75 ASP 75 171 ?   ?   ?   A . n 
A 1 76 THR 76 172 ?   ?   ?   A . n 
# 
loop_
_pdbx_nonpoly_scheme.asym_id 
_pdbx_nonpoly_scheme.entity_id 
_pdbx_nonpoly_scheme.mon_id 
_pdbx_nonpoly_scheme.ndb_seq_num 
_pdbx_nonpoly_scheme.pdb_seq_num 
_pdbx_nonpoly_scheme.auth_seq_num 
_pdbx_nonpoly_scheme.pdb_mon_id 
_pdbx_nonpoly_scheme.auth_mon_id 
_pdbx_nonpoly_scheme.pdb_strand_id 
_pdbx_nonpoly_scheme.pdb_ins_code 
B 2 HOH 1 201 201 HOH HOH A . 
B 2 HOH 2 202 202 HOH HOH A . 
B 2 HOH 3 203 203 HOH HOH A . 
B 2 HOH 4 204 204 HOH HOH A . 
B 2 HOH 5 205 205 HOH HOH A . 
# 
_pdbx_struct_assembly.id                   1 
_pdbx_struct_assembly.details              author_and_software_defined_assembly 
_pdbx_struct_assembly.method_details       PISA 
_pdbx_struct_assembly.oligomeric_details   monomeric 
_pdbx_struct_assembly.oligomeric_count     1 
# 
_pdbx_struct_assembly_gen.assembly_id       1 
_pdbx_struct_assembly_gen.oper_expression   1 
_pdbx_struct_assembly_gen.asym_id_list      A,B 
# 
_pdbx_struct_oper_list.id                   1 
_pdbx_struct_oper_list.type                 'identity operation' 
_pdbx_struct_oper_list.name                 1_555 
_pdbx_struct_oper_list.symmetry_operation   x,y,z 
_pdbx_struct_oper_list.matrix[1][1]         1.0000000000 
_pdbx_struct_oper_list.matrix[1][2]         0.0000000000 
_pdbx_struct_oper_list.matrix[1][3]         0.0000000000 
_pdbx_struct_oper_list.vector[1]            0.0000000000 
_pdbx_struct_oper_list.matrix[2][1]         0.0000000000 
_pdbx_struct_oper_list.matrix[2][2]         1.0000000000 
_pdbx_struct_oper_list.matrix[2][3]         0.0000000000 
_pdbx_struct_oper_list.vector[2]            0.0000000000 
_pdbx_struct_oper_list.matrix[3][1]         0.0000000000 
_pdbx_struct_oper_list.matrix[3][2]         0.0000000000 
_pdbx_struct_oper_list.matrix[3][3]         1.0000000000 
_pdbx_struct_oper_list.vector[3]            0.0000000000 
# 
loop_
_pdbx_audit_revision_history.ordinal 
_pdbx_audit_revision_history.data_content_type 
_pdbx_audit_revision_history.major_revision 
_pdbx_audit_revision_history.minor_revision 
_pdbx_audit_revision_history.revision_date 
1 'Structure model' 1 0 2010-05-26 
2 'Structure model' 1 1 2011-07-13 
3 'Structure model' 1 2 2023-11-01 
# 
_pdbx_audit_revision_details.ordinal             1 
_pdbx_audit_revision_details.revision_ordinal    1 
_pdbx_audit_revision_details.data_content_type   'Structure model' 
_pdbx_audit_revision_details.provider            repository 
_pdbx_audit_revision_details.type                'Initial release' 
_pdbx_audit_revision_details.description         ? 
_pdbx_audit_revision_details.details             ? 
# 
loop_
_pdbx_audit_revision_group.ordinal 
_pdbx_audit_revision_group.revision_ordinal 
_pdbx_audit_revision_group.data_content_type 
_pdbx_audit_revision_group.group 
1 2 'Structure model' Advisory                    
2 2 'Structure model' 'Version format compliance' 
3 3 'Structure model' 'Data collection'           
4 3 'Structure model' 'Database references'       
5 3 'Structure model' 'Refinement description'    
# 
loop_
_pdbx_audit_revision_category.ordinal 
_pdbx_audit_revision_category.revision_ordinal 
_pdbx_audit_revision_category.data_content_type 
_pdbx_audit_revision_category.category 
1 3 'Structure model' chem_comp_atom                
2 3 'Structure model' chem_comp_bond                
3 3 'Structure model' database_2                    
4 3 'Structure model' pdbx_initial_refinement_model 
5 3 'Structure model' struct_ref_seq_dif            
# 
loop_
_pdbx_audit_revision_item.ordinal 
_pdbx_audit_revision_item.revision_ordinal 
_pdbx_audit_revision_item.data_content_type 
_pdbx_audit_revision_item.item 
1 3 'Structure model' '_database_2.pdbx_DOI'                
2 3 'Structure model' '_database_2.pdbx_database_accession' 
3 3 'Structure model' '_struct_ref_seq_dif.details'         
# 
_pdbx_refine_tls.pdbx_refine_id   'X-RAY DIFFRACTION' 
_pdbx_refine_tls.id               1 
_pdbx_refine_tls.details          ? 
_pdbx_refine_tls.method           refined 
_pdbx_refine_tls.origin_x         -0.1861 
_pdbx_refine_tls.origin_y         -0.1149 
_pdbx_refine_tls.origin_z         -0.0113 
_pdbx_refine_tls.T[1][1]          -0.1101 
_pdbx_refine_tls.T[2][2]          -0.3153 
_pdbx_refine_tls.T[3][3]          -0.2204 
_pdbx_refine_tls.T[1][2]          -0.0922 
_pdbx_refine_tls.T[1][3]          -0.1584 
_pdbx_refine_tls.T[2][3]          0.0269 
_pdbx_refine_tls.L[1][1]          15.7466 
_pdbx_refine_tls.L[2][2]          4.2162 
_pdbx_refine_tls.L[3][3]          13.4641 
_pdbx_refine_tls.L[1][2]          2.1538 
_pdbx_refine_tls.L[1][3]          -6.5598 
_pdbx_refine_tls.L[2][3]          -1.2063 
_pdbx_refine_tls.S[1][1]          0.2473 
_pdbx_refine_tls.S[1][2]          0.9962 
_pdbx_refine_tls.S[1][3]          -0.4627 
_pdbx_refine_tls.S[2][1]          -0.6994 
_pdbx_refine_tls.S[2][2]          -0.2464 
_pdbx_refine_tls.S[2][3]          0.4141 
_pdbx_refine_tls.S[3][1]          0.0143 
_pdbx_refine_tls.S[3][2]          -0.2184 
_pdbx_refine_tls.S[3][3]          -0.0009 
# 
_pdbx_refine_tls_group.pdbx_refine_id      'X-RAY DIFFRACTION' 
_pdbx_refine_tls_group.id                  1 
_pdbx_refine_tls_group.refine_tls_id       1 
_pdbx_refine_tls_group.beg_auth_asym_id    A 
_pdbx_refine_tls_group.beg_auth_seq_id     101 
_pdbx_refine_tls_group.beg_label_asym_id   ? 
_pdbx_refine_tls_group.beg_label_seq_id    ? 
_pdbx_refine_tls_group.end_auth_asym_id    A 
_pdbx_refine_tls_group.end_auth_seq_id     170 
_pdbx_refine_tls_group.end_label_asym_id   ? 
_pdbx_refine_tls_group.end_label_seq_id    ? 
_pdbx_refine_tls_group.selection           ? 
_pdbx_refine_tls_group.selection_details   ? 
# 
loop_
_software.name 
_software.classification 
_software.version 
_software.citation_id 
_software.pdbx_ordinal 
HKL-2000 'data collection' .        ? 1 
MOLREP   phasing           .        ? 2 
REFMAC   refinement        5.2.0019 ? 3 
HKL-2000 'data reduction'  .        ? 4 
HKL-2000 'data scaling'    .        ? 5 
# 
_pdbx_validate_rmsd_bond.id                        1 
_pdbx_validate_rmsd_bond.PDB_model_num             1 
_pdbx_validate_rmsd_bond.auth_atom_id_1            CD 
_pdbx_validate_rmsd_bond.auth_asym_id_1            A 
_pdbx_validate_rmsd_bond.auth_comp_id_1            GLU 
_pdbx_validate_rmsd_bond.auth_seq_id_1             108 
_pdbx_validate_rmsd_bond.PDB_ins_code_1            ? 
_pdbx_validate_rmsd_bond.label_alt_id_1            ? 
_pdbx_validate_rmsd_bond.auth_atom_id_2            OE2 
_pdbx_validate_rmsd_bond.auth_asym_id_2            A 
_pdbx_validate_rmsd_bond.auth_comp_id_2            GLU 
_pdbx_validate_rmsd_bond.auth_seq_id_2             108 
_pdbx_validate_rmsd_bond.PDB_ins_code_2            ? 
_pdbx_validate_rmsd_bond.label_alt_id_2            ? 
_pdbx_validate_rmsd_bond.bond_value                1.338 
_pdbx_validate_rmsd_bond.bond_target_value         1.252 
_pdbx_validate_rmsd_bond.bond_deviation            0.086 
_pdbx_validate_rmsd_bond.bond_standard_deviation   0.011 
_pdbx_validate_rmsd_bond.linker_flag               N 
# 
loop_
_pdbx_validate_torsion.id 
_pdbx_validate_torsion.PDB_model_num 
_pdbx_validate_torsion.auth_comp_id 
_pdbx_validate_torsion.auth_asym_id 
_pdbx_validate_torsion.auth_seq_id 
_pdbx_validate_torsion.PDB_ins_code 
_pdbx_validate_torsion.label_alt_id 
_pdbx_validate_torsion.phi 
_pdbx_validate_torsion.psi 
1 1 LYS A 112 ? ? -58.31 -4.07  
2 1 ASN A 114 ? ? 99.44  2.47   
3 1 ILE A 117 ? ? 74.87  138.80 
4 1 ARG A 130 ? ? 110.04 -49.54 
5 1 THR A 152 ? ? 153.18 133.91 
6 1 ASP A 155 ? ? -24.74 -74.50 
# 
loop_
_pdbx_unobs_or_zero_occ_atoms.id 
_pdbx_unobs_or_zero_occ_atoms.PDB_model_num 
_pdbx_unobs_or_zero_occ_atoms.polymer_flag 
_pdbx_unobs_or_zero_occ_atoms.occupancy_flag 
_pdbx_unobs_or_zero_occ_atoms.auth_asym_id 
_pdbx_unobs_or_zero_occ_atoms.auth_comp_id 
_pdbx_unobs_or_zero_occ_atoms.auth_seq_id 
_pdbx_unobs_or_zero_occ_atoms.PDB_ins_code 
_pdbx_unobs_or_zero_occ_atoms.auth_atom_id 
_pdbx_unobs_or_zero_occ_atoms.label_alt_id 
_pdbx_unobs_or_zero_occ_atoms.label_asym_id 
_pdbx_unobs_or_zero_occ_atoms.label_comp_id 
_pdbx_unobs_or_zero_occ_atoms.label_seq_id 
_pdbx_unobs_or_zero_occ_atoms.label_atom_id 
1 1 Y 1 A HIS 99 ? CG  ? A HIS 3 CG  
2 1 Y 1 A HIS 99 ? ND1 ? A HIS 3 ND1 
3 1 Y 1 A HIS 99 ? CD2 ? A HIS 3 CD2 
4 1 Y 1 A HIS 99 ? CE1 ? A HIS 3 CE1 
5 1 Y 1 A HIS 99 ? NE2 ? A HIS 3 NE2 
# 
loop_
_pdbx_unobs_or_zero_occ_residues.id 
_pdbx_unobs_or_zero_occ_residues.PDB_model_num 
_pdbx_unobs_or_zero_occ_residues.polymer_flag 
_pdbx_unobs_or_zero_occ_residues.occupancy_flag 
_pdbx_unobs_or_zero_occ_residues.auth_asym_id 
_pdbx_unobs_or_zero_occ_residues.auth_comp_id 
_pdbx_unobs_or_zero_occ_residues.auth_seq_id 
_pdbx_unobs_or_zero_occ_residues.PDB_ins_code 
_pdbx_unobs_or_zero_occ_residues.label_asym_id 
_pdbx_unobs_or_zero_occ_residues.label_comp_id 
_pdbx_unobs_or_zero_occ_residues.label_seq_id 
1 1 Y 1 A GLY 97  ? A GLY 1  
2 1 Y 1 A SER 98  ? A SER 2  
3 1 Y 1 A ASP 171 ? A ASP 75 
4 1 Y 1 A THR 172 ? A THR 76 
# 
loop_
_chem_comp_atom.comp_id 
_chem_comp_atom.atom_id 
_chem_comp_atom.type_symbol 
_chem_comp_atom.pdbx_aromatic_flag 
_chem_comp_atom.pdbx_stereo_config 
_chem_comp_atom.pdbx_ordinal 
ALA N    N N N 1   
ALA CA   C N S 2   
ALA C    C N N 3   
ALA O    O N N 4   
ALA CB   C N N 5   
ALA OXT  O N N 6   
ALA H    H N N 7   
ALA H2   H N N 8   
ALA HA   H N N 9   
ALA HB1  H N N 10  
ALA HB2  H N N 11  
ALA HB3  H N N 12  
ALA HXT  H N N 13  
ARG N    N N N 14  
ARG CA   C N S 15  
ARG C    C N N 16  
ARG O    O N N 17  
ARG CB   C N N 18  
ARG CG   C N N 19  
ARG CD   C N N 20  
ARG NE   N N N 21  
ARG CZ   C N N 22  
ARG NH1  N N N 23  
ARG NH2  N N N 24  
ARG OXT  O N N 25  
ARG H    H N N 26  
ARG H2   H N N 27  
ARG HA   H N N 28  
ARG HB2  H N N 29  
ARG HB3  H N N 30  
ARG HG2  H N N 31  
ARG HG3  H N N 32  
ARG HD2  H N N 33  
ARG HD3  H N N 34  
ARG HE   H N N 35  
ARG HH11 H N N 36  
ARG HH12 H N N 37  
ARG HH21 H N N 38  
ARG HH22 H N N 39  
ARG HXT  H N N 40  
ASN N    N N N 41  
ASN CA   C N S 42  
ASN C    C N N 43  
ASN O    O N N 44  
ASN CB   C N N 45  
ASN CG   C N N 46  
ASN OD1  O N N 47  
ASN ND2  N N N 48  
ASN OXT  O N N 49  
ASN H    H N N 50  
ASN H2   H N N 51  
ASN HA   H N N 52  
ASN HB2  H N N 53  
ASN HB3  H N N 54  
ASN HD21 H N N 55  
ASN HD22 H N N 56  
ASN HXT  H N N 57  
ASP N    N N N 58  
ASP CA   C N S 59  
ASP C    C N N 60  
ASP O    O N N 61  
ASP CB   C N N 62  
ASP CG   C N N 63  
ASP OD1  O N N 64  
ASP OD2  O N N 65  
ASP OXT  O N N 66  
ASP H    H N N 67  
ASP H2   H N N 68  
ASP HA   H N N 69  
ASP HB2  H N N 70  
ASP HB3  H N N 71  
ASP HD2  H N N 72  
ASP HXT  H N N 73  
CYS N    N N N 74  
CYS CA   C N R 75  
CYS C    C N N 76  
CYS O    O N N 77  
CYS CB   C N N 78  
CYS SG   S N N 79  
CYS OXT  O N N 80  
CYS H    H N N 81  
CYS H2   H N N 82  
CYS HA   H N N 83  
CYS HB2  H N N 84  
CYS HB3  H N N 85  
CYS HG   H N N 86  
CYS HXT  H N N 87  
GLN N    N N N 88  
GLN CA   C N S 89  
GLN C    C N N 90  
GLN O    O N N 91  
GLN CB   C N N 92  
GLN CG   C N N 93  
GLN CD   C N N 94  
GLN OE1  O N N 95  
GLN NE2  N N N 96  
GLN OXT  O N N 97  
GLN H    H N N 98  
GLN H2   H N N 99  
GLN HA   H N N 100 
GLN HB2  H N N 101 
GLN HB3  H N N 102 
GLN HG2  H N N 103 
GLN HG3  H N N 104 
GLN HE21 H N N 105 
GLN HE22 H N N 106 
GLN HXT  H N N 107 
GLU N    N N N 108 
GLU CA   C N S 109 
GLU C    C N N 110 
GLU O    O N N 111 
GLU CB   C N N 112 
GLU CG   C N N 113 
GLU CD   C N N 114 
GLU OE1  O N N 115 
GLU OE2  O N N 116 
GLU OXT  O N N 117 
GLU H    H N N 118 
GLU H2   H N N 119 
GLU HA   H N N 120 
GLU HB2  H N N 121 
GLU HB3  H N N 122 
GLU HG2  H N N 123 
GLU HG3  H N N 124 
GLU HE2  H N N 125 
GLU HXT  H N N 126 
GLY N    N N N 127 
GLY CA   C N N 128 
GLY C    C N N 129 
GLY O    O N N 130 
GLY OXT  O N N 131 
GLY H    H N N 132 
GLY H2   H N N 133 
GLY HA2  H N N 134 
GLY HA3  H N N 135 
GLY HXT  H N N 136 
HIS N    N N N 137 
HIS CA   C N S 138 
HIS C    C N N 139 
HIS O    O N N 140 
HIS CB   C N N 141 
HIS CG   C Y N 142 
HIS ND1  N Y N 143 
HIS CD2  C Y N 144 
HIS CE1  C Y N 145 
HIS NE2  N Y N 146 
HIS OXT  O N N 147 
HIS H    H N N 148 
HIS H2   H N N 149 
HIS HA   H N N 150 
HIS HB2  H N N 151 
HIS HB3  H N N 152 
HIS HD1  H N N 153 
HIS HD2  H N N 154 
HIS HE1  H N N 155 
HIS HE2  H N N 156 
HIS HXT  H N N 157 
HOH O    O N N 158 
HOH H1   H N N 159 
HOH H2   H N N 160 
ILE N    N N N 161 
ILE CA   C N S 162 
ILE C    C N N 163 
ILE O    O N N 164 
ILE CB   C N S 165 
ILE CG1  C N N 166 
ILE CG2  C N N 167 
ILE CD1  C N N 168 
ILE OXT  O N N 169 
ILE H    H N N 170 
ILE H2   H N N 171 
ILE HA   H N N 172 
ILE HB   H N N 173 
ILE HG12 H N N 174 
ILE HG13 H N N 175 
ILE HG21 H N N 176 
ILE HG22 H N N 177 
ILE HG23 H N N 178 
ILE HD11 H N N 179 
ILE HD12 H N N 180 
ILE HD13 H N N 181 
ILE HXT  H N N 182 
LEU N    N N N 183 
LEU CA   C N S 184 
LEU C    C N N 185 
LEU O    O N N 186 
LEU CB   C N N 187 
LEU CG   C N N 188 
LEU CD1  C N N 189 
LEU CD2  C N N 190 
LEU OXT  O N N 191 
LEU H    H N N 192 
LEU H2   H N N 193 
LEU HA   H N N 194 
LEU HB2  H N N 195 
LEU HB3  H N N 196 
LEU HG   H N N 197 
LEU HD11 H N N 198 
LEU HD12 H N N 199 
LEU HD13 H N N 200 
LEU HD21 H N N 201 
LEU HD22 H N N 202 
LEU HD23 H N N 203 
LEU HXT  H N N 204 
LYS N    N N N 205 
LYS CA   C N S 206 
LYS C    C N N 207 
LYS O    O N N 208 
LYS CB   C N N 209 
LYS CG   C N N 210 
LYS CD   C N N 211 
LYS CE   C N N 212 
LYS NZ   N N N 213 
LYS OXT  O N N 214 
LYS H    H N N 215 
LYS H2   H N N 216 
LYS HA   H N N 217 
LYS HB2  H N N 218 
LYS HB3  H N N 219 
LYS HG2  H N N 220 
LYS HG3  H N N 221 
LYS HD2  H N N 222 
LYS HD3  H N N 223 
LYS HE2  H N N 224 
LYS HE3  H N N 225 
LYS HZ1  H N N 226 
LYS HZ2  H N N 227 
LYS HZ3  H N N 228 
LYS HXT  H N N 229 
MET N    N N N 230 
MET CA   C N S 231 
MET C    C N N 232 
MET O    O N N 233 
MET CB   C N N 234 
MET CG   C N N 235 
MET SD   S N N 236 
MET CE   C N N 237 
MET OXT  O N N 238 
MET H    H N N 239 
MET H2   H N N 240 
MET HA   H N N 241 
MET HB2  H N N 242 
MET HB3  H N N 243 
MET HG2  H N N 244 
MET HG3  H N N 245 
MET HE1  H N N 246 
MET HE2  H N N 247 
MET HE3  H N N 248 
MET HXT  H N N 249 
PHE N    N N N 250 
PHE CA   C N S 251 
PHE C    C N N 252 
PHE O    O N N 253 
PHE CB   C N N 254 
PHE CG   C Y N 255 
PHE CD1  C Y N 256 
PHE CD2  C Y N 257 
PHE CE1  C Y N 258 
PHE CE2  C Y N 259 
PHE CZ   C Y N 260 
PHE OXT  O N N 261 
PHE H    H N N 262 
PHE H2   H N N 263 
PHE HA   H N N 264 
PHE HB2  H N N 265 
PHE HB3  H N N 266 
PHE HD1  H N N 267 
PHE HD2  H N N 268 
PHE HE1  H N N 269 
PHE HE2  H N N 270 
PHE HZ   H N N 271 
PHE HXT  H N N 272 
PRO N    N N N 273 
PRO CA   C N S 274 
PRO C    C N N 275 
PRO O    O N N 276 
PRO CB   C N N 277 
PRO CG   C N N 278 
PRO CD   C N N 279 
PRO OXT  O N N 280 
PRO H    H N N 281 
PRO HA   H N N 282 
PRO HB2  H N N 283 
PRO HB3  H N N 284 
PRO HG2  H N N 285 
PRO HG3  H N N 286 
PRO HD2  H N N 287 
PRO HD3  H N N 288 
PRO HXT  H N N 289 
SER N    N N N 290 
SER CA   C N S 291 
SER C    C N N 292 
SER O    O N N 293 
SER CB   C N N 294 
SER OG   O N N 295 
SER OXT  O N N 296 
SER H    H N N 297 
SER H2   H N N 298 
SER HA   H N N 299 
SER HB2  H N N 300 
SER HB3  H N N 301 
SER HG   H N N 302 
SER HXT  H N N 303 
THR N    N N N 304 
THR CA   C N S 305 
THR C    C N N 306 
THR O    O N N 307 
THR CB   C N R 308 
THR OG1  O N N 309 
THR CG2  C N N 310 
THR OXT  O N N 311 
THR H    H N N 312 
THR H2   H N N 313 
THR HA   H N N 314 
THR HB   H N N 315 
THR HG1  H N N 316 
THR HG21 H N N 317 
THR HG22 H N N 318 
THR HG23 H N N 319 
THR HXT  H N N 320 
TYR N    N N N 321 
TYR CA   C N S 322 
TYR C    C N N 323 
TYR O    O N N 324 
TYR CB   C N N 325 
TYR CG   C Y N 326 
TYR CD1  C Y N 327 
TYR CD2  C Y N 328 
TYR CE1  C Y N 329 
TYR CE2  C Y N 330 
TYR CZ   C Y N 331 
TYR OH   O N N 332 
TYR OXT  O N N 333 
TYR H    H N N 334 
TYR H2   H N N 335 
TYR HA   H N N 336 
TYR HB2  H N N 337 
TYR HB3  H N N 338 
TYR HD1  H N N 339 
TYR HD2  H N N 340 
TYR HE1  H N N 341 
TYR HE2  H N N 342 
TYR HH   H N N 343 
TYR HXT  H N N 344 
VAL N    N N N 345 
VAL CA   C N S 346 
VAL C    C N N 347 
VAL O    O N N 348 
VAL CB   C N N 349 
VAL CG1  C N N 350 
VAL CG2  C N N 351 
VAL OXT  O N N 352 
VAL H    H N N 353 
VAL H2   H N N 354 
VAL HA   H N N 355 
VAL HB   H N N 356 
VAL HG11 H N N 357 
VAL HG12 H N N 358 
VAL HG13 H N N 359 
VAL HG21 H N N 360 
VAL HG22 H N N 361 
VAL HG23 H N N 362 
VAL HXT  H N N 363 
# 
loop_
_chem_comp_bond.comp_id 
_chem_comp_bond.atom_id_1 
_chem_comp_bond.atom_id_2 
_chem_comp_bond.value_order 
_chem_comp_bond.pdbx_aromatic_flag 
_chem_comp_bond.pdbx_stereo_config 
_chem_comp_bond.pdbx_ordinal 
ALA N   CA   sing N N 1   
ALA N   H    sing N N 2   
ALA N   H2   sing N N 3   
ALA CA  C    sing N N 4   
ALA CA  CB   sing N N 5   
ALA CA  HA   sing N N 6   
ALA C   O    doub N N 7   
ALA C   OXT  sing N N 8   
ALA CB  HB1  sing N N 9   
ALA CB  HB2  sing N N 10  
ALA CB  HB3  sing N N 11  
ALA OXT HXT  sing N N 12  
ARG N   CA   sing N N 13  
ARG N   H    sing N N 14  
ARG N   H2   sing N N 15  
ARG CA  C    sing N N 16  
ARG CA  CB   sing N N 17  
ARG CA  HA   sing N N 18  
ARG C   O    doub N N 19  
ARG C   OXT  sing N N 20  
ARG CB  CG   sing N N 21  
ARG CB  HB2  sing N N 22  
ARG CB  HB3  sing N N 23  
ARG CG  CD   sing N N 24  
ARG CG  HG2  sing N N 25  
ARG CG  HG3  sing N N 26  
ARG CD  NE   sing N N 27  
ARG CD  HD2  sing N N 28  
ARG CD  HD3  sing N N 29  
ARG NE  CZ   sing N N 30  
ARG NE  HE   sing N N 31  
ARG CZ  NH1  sing N N 32  
ARG CZ  NH2  doub N N 33  
ARG NH1 HH11 sing N N 34  
ARG NH1 HH12 sing N N 35  
ARG NH2 HH21 sing N N 36  
ARG NH2 HH22 sing N N 37  
ARG OXT HXT  sing N N 38  
ASN N   CA   sing N N 39  
ASN N   H    sing N N 40  
ASN N   H2   sing N N 41  
ASN CA  C    sing N N 42  
ASN CA  CB   sing N N 43  
ASN CA  HA   sing N N 44  
ASN C   O    doub N N 45  
ASN C   OXT  sing N N 46  
ASN CB  CG   sing N N 47  
ASN CB  HB2  sing N N 48  
ASN CB  HB3  sing N N 49  
ASN CG  OD1  doub N N 50  
ASN CG  ND2  sing N N 51  
ASN ND2 HD21 sing N N 52  
ASN ND2 HD22 sing N N 53  
ASN OXT HXT  sing N N 54  
ASP N   CA   sing N N 55  
ASP N   H    sing N N 56  
ASP N   H2   sing N N 57  
ASP CA  C    sing N N 58  
ASP CA  CB   sing N N 59  
ASP CA  HA   sing N N 60  
ASP C   O    doub N N 61  
ASP C   OXT  sing N N 62  
ASP CB  CG   sing N N 63  
ASP CB  HB2  sing N N 64  
ASP CB  HB3  sing N N 65  
ASP CG  OD1  doub N N 66  
ASP CG  OD2  sing N N 67  
ASP OD2 HD2  sing N N 68  
ASP OXT HXT  sing N N 69  
CYS N   CA   sing N N 70  
CYS N   H    sing N N 71  
CYS N   H2   sing N N 72  
CYS CA  C    sing N N 73  
CYS CA  CB   sing N N 74  
CYS CA  HA   sing N N 75  
CYS C   O    doub N N 76  
CYS C   OXT  sing N N 77  
CYS CB  SG   sing N N 78  
CYS CB  HB2  sing N N 79  
CYS CB  HB3  sing N N 80  
CYS SG  HG   sing N N 81  
CYS OXT HXT  sing N N 82  
GLN N   CA   sing N N 83  
GLN N   H    sing N N 84  
GLN N   H2   sing N N 85  
GLN CA  C    sing N N 86  
GLN CA  CB   sing N N 87  
GLN CA  HA   sing N N 88  
GLN C   O    doub N N 89  
GLN C   OXT  sing N N 90  
GLN CB  CG   sing N N 91  
GLN CB  HB2  sing N N 92  
GLN CB  HB3  sing N N 93  
GLN CG  CD   sing N N 94  
GLN CG  HG2  sing N N 95  
GLN CG  HG3  sing N N 96  
GLN CD  OE1  doub N N 97  
GLN CD  NE2  sing N N 98  
GLN NE2 HE21 sing N N 99  
GLN NE2 HE22 sing N N 100 
GLN OXT HXT  sing N N 101 
GLU N   CA   sing N N 102 
GLU N   H    sing N N 103 
GLU N   H2   sing N N 104 
GLU CA  C    sing N N 105 
GLU CA  CB   sing N N 106 
GLU CA  HA   sing N N 107 
GLU C   O    doub N N 108 
GLU C   OXT  sing N N 109 
GLU CB  CG   sing N N 110 
GLU CB  HB2  sing N N 111 
GLU CB  HB3  sing N N 112 
GLU CG  CD   sing N N 113 
GLU CG  HG2  sing N N 114 
GLU CG  HG3  sing N N 115 
GLU CD  OE1  doub N N 116 
GLU CD  OE2  sing N N 117 
GLU OE2 HE2  sing N N 118 
GLU OXT HXT  sing N N 119 
GLY N   CA   sing N N 120 
GLY N   H    sing N N 121 
GLY N   H2   sing N N 122 
GLY CA  C    sing N N 123 
GLY CA  HA2  sing N N 124 
GLY CA  HA3  sing N N 125 
GLY C   O    doub N N 126 
GLY C   OXT  sing N N 127 
GLY OXT HXT  sing N N 128 
HIS N   CA   sing N N 129 
HIS N   H    sing N N 130 
HIS N   H2   sing N N 131 
HIS CA  C    sing N N 132 
HIS CA  CB   sing N N 133 
HIS CA  HA   sing N N 134 
HIS C   O    doub N N 135 
HIS C   OXT  sing N N 136 
HIS CB  CG   sing N N 137 
HIS CB  HB2  sing N N 138 
HIS CB  HB3  sing N N 139 
HIS CG  ND1  sing Y N 140 
HIS CG  CD2  doub Y N 141 
HIS ND1 CE1  doub Y N 142 
HIS ND1 HD1  sing N N 143 
HIS CD2 NE2  sing Y N 144 
HIS CD2 HD2  sing N N 145 
HIS CE1 NE2  sing Y N 146 
HIS CE1 HE1  sing N N 147 
HIS NE2 HE2  sing N N 148 
HIS OXT HXT  sing N N 149 
HOH O   H1   sing N N 150 
HOH O   H2   sing N N 151 
ILE N   CA   sing N N 152 
ILE N   H    sing N N 153 
ILE N   H2   sing N N 154 
ILE CA  C    sing N N 155 
ILE CA  CB   sing N N 156 
ILE CA  HA   sing N N 157 
ILE C   O    doub N N 158 
ILE C   OXT  sing N N 159 
ILE CB  CG1  sing N N 160 
ILE CB  CG2  sing N N 161 
ILE CB  HB   sing N N 162 
ILE CG1 CD1  sing N N 163 
ILE CG1 HG12 sing N N 164 
ILE CG1 HG13 sing N N 165 
ILE CG2 HG21 sing N N 166 
ILE CG2 HG22 sing N N 167 
ILE CG2 HG23 sing N N 168 
ILE CD1 HD11 sing N N 169 
ILE CD1 HD12 sing N N 170 
ILE CD1 HD13 sing N N 171 
ILE OXT HXT  sing N N 172 
LEU N   CA   sing N N 173 
LEU N   H    sing N N 174 
LEU N   H2   sing N N 175 
LEU CA  C    sing N N 176 
LEU CA  CB   sing N N 177 
LEU CA  HA   sing N N 178 
LEU C   O    doub N N 179 
LEU C   OXT  sing N N 180 
LEU CB  CG   sing N N 181 
LEU CB  HB2  sing N N 182 
LEU CB  HB3  sing N N 183 
LEU CG  CD1  sing N N 184 
LEU CG  CD2  sing N N 185 
LEU CG  HG   sing N N 186 
LEU CD1 HD11 sing N N 187 
LEU CD1 HD12 sing N N 188 
LEU CD1 HD13 sing N N 189 
LEU CD2 HD21 sing N N 190 
LEU CD2 HD22 sing N N 191 
LEU CD2 HD23 sing N N 192 
LEU OXT HXT  sing N N 193 
LYS N   CA   sing N N 194 
LYS N   H    sing N N 195 
LYS N   H2   sing N N 196 
LYS CA  C    sing N N 197 
LYS CA  CB   sing N N 198 
LYS CA  HA   sing N N 199 
LYS C   O    doub N N 200 
LYS C   OXT  sing N N 201 
LYS CB  CG   sing N N 202 
LYS CB  HB2  sing N N 203 
LYS CB  HB3  sing N N 204 
LYS CG  CD   sing N N 205 
LYS CG  HG2  sing N N 206 
LYS CG  HG3  sing N N 207 
LYS CD  CE   sing N N 208 
LYS CD  HD2  sing N N 209 
LYS CD  HD3  sing N N 210 
LYS CE  NZ   sing N N 211 
LYS CE  HE2  sing N N 212 
LYS CE  HE3  sing N N 213 
LYS NZ  HZ1  sing N N 214 
LYS NZ  HZ2  sing N N 215 
LYS NZ  HZ3  sing N N 216 
LYS OXT HXT  sing N N 217 
MET N   CA   sing N N 218 
MET N   H    sing N N 219 
MET N   H2   sing N N 220 
MET CA  C    sing N N 221 
MET CA  CB   sing N N 222 
MET CA  HA   sing N N 223 
MET C   O    doub N N 224 
MET C   OXT  sing N N 225 
MET CB  CG   sing N N 226 
MET CB  HB2  sing N N 227 
MET CB  HB3  sing N N 228 
MET CG  SD   sing N N 229 
MET CG  HG2  sing N N 230 
MET CG  HG3  sing N N 231 
MET SD  CE   sing N N 232 
MET CE  HE1  sing N N 233 
MET CE  HE2  sing N N 234 
MET CE  HE3  sing N N 235 
MET OXT HXT  sing N N 236 
PHE N   CA   sing N N 237 
PHE N   H    sing N N 238 
PHE N   H2   sing N N 239 
PHE CA  C    sing N N 240 
PHE CA  CB   sing N N 241 
PHE CA  HA   sing N N 242 
PHE C   O    doub N N 243 
PHE C   OXT  sing N N 244 
PHE CB  CG   sing N N 245 
PHE CB  HB2  sing N N 246 
PHE CB  HB3  sing N N 247 
PHE CG  CD1  doub Y N 248 
PHE CG  CD2  sing Y N 249 
PHE CD1 CE1  sing Y N 250 
PHE CD1 HD1  sing N N 251 
PHE CD2 CE2  doub Y N 252 
PHE CD2 HD2  sing N N 253 
PHE CE1 CZ   doub Y N 254 
PHE CE1 HE1  sing N N 255 
PHE CE2 CZ   sing Y N 256 
PHE CE2 HE2  sing N N 257 
PHE CZ  HZ   sing N N 258 
PHE OXT HXT  sing N N 259 
PRO N   CA   sing N N 260 
PRO N   CD   sing N N 261 
PRO N   H    sing N N 262 
PRO CA  C    sing N N 263 
PRO CA  CB   sing N N 264 
PRO CA  HA   sing N N 265 
PRO C   O    doub N N 266 
PRO C   OXT  sing N N 267 
PRO CB  CG   sing N N 268 
PRO CB  HB2  sing N N 269 
PRO CB  HB3  sing N N 270 
PRO CG  CD   sing N N 271 
PRO CG  HG2  sing N N 272 
PRO CG  HG3  sing N N 273 
PRO CD  HD2  sing N N 274 
PRO CD  HD3  sing N N 275 
PRO OXT HXT  sing N N 276 
SER N   CA   sing N N 277 
SER N   H    sing N N 278 
SER N   H2   sing N N 279 
SER CA  C    sing N N 280 
SER CA  CB   sing N N 281 
SER CA  HA   sing N N 282 
SER C   O    doub N N 283 
SER C   OXT  sing N N 284 
SER CB  OG   sing N N 285 
SER CB  HB2  sing N N 286 
SER CB  HB3  sing N N 287 
SER OG  HG   sing N N 288 
SER OXT HXT  sing N N 289 
THR N   CA   sing N N 290 
THR N   H    sing N N 291 
THR N   H2   sing N N 292 
THR CA  C    sing N N 293 
THR CA  CB   sing N N 294 
THR CA  HA   sing N N 295 
THR C   O    doub N N 296 
THR C   OXT  sing N N 297 
THR CB  OG1  sing N N 298 
THR CB  CG2  sing N N 299 
THR CB  HB   sing N N 300 
THR OG1 HG1  sing N N 301 
THR CG2 HG21 sing N N 302 
THR CG2 HG22 sing N N 303 
THR CG2 HG23 sing N N 304 
THR OXT HXT  sing N N 305 
TYR N   CA   sing N N 306 
TYR N   H    sing N N 307 
TYR N   H2   sing N N 308 
TYR CA  C    sing N N 309 
TYR CA  CB   sing N N 310 
TYR CA  HA   sing N N 311 
TYR C   O    doub N N 312 
TYR C   OXT  sing N N 313 
TYR CB  CG   sing N N 314 
TYR CB  HB2  sing N N 315 
TYR CB  HB3  sing N N 316 
TYR CG  CD1  doub Y N 317 
TYR CG  CD2  sing Y N 318 
TYR CD1 CE1  sing Y N 319 
TYR CD1 HD1  sing N N 320 
TYR CD2 CE2  doub Y N 321 
TYR CD2 HD2  sing N N 322 
TYR CE1 CZ   doub Y N 323 
TYR CE1 HE1  sing N N 324 
TYR CE2 CZ   sing Y N 325 
TYR CE2 HE2  sing N N 326 
TYR CZ  OH   sing N N 327 
TYR OH  HH   sing N N 328 
TYR OXT HXT  sing N N 329 
VAL N   CA   sing N N 330 
VAL N   H    sing N N 331 
VAL N   H2   sing N N 332 
VAL CA  C    sing N N 333 
VAL CA  CB   sing N N 334 
VAL CA  HA   sing N N 335 
VAL C   O    doub N N 336 
VAL C   OXT  sing N N 337 
VAL CB  CG1  sing N N 338 
VAL CB  CG2  sing N N 339 
VAL CB  HB   sing N N 340 
VAL CG1 HG11 sing N N 341 
VAL CG1 HG12 sing N N 342 
VAL CG1 HG13 sing N N 343 
VAL CG2 HG21 sing N N 344 
VAL CG2 HG22 sing N N 345 
VAL CG2 HG23 sing N N 346 
VAL OXT HXT  sing N N 347 
# 
_pdbx_entity_nonpoly.entity_id   2 
_pdbx_entity_nonpoly.name        water 
_pdbx_entity_nonpoly.comp_id     HOH 
# 
_pdbx_initial_refinement_model.id               1 
_pdbx_initial_refinement_model.entity_id_list   ? 
_pdbx_initial_refinement_model.type             'experimental model' 
_pdbx_initial_refinement_model.source_name      PDB 
_pdbx_initial_refinement_model.accession_code   1DI2 
_pdbx_initial_refinement_model.details          'PDB ENTRY 1DI2' 
# 
